data_9JYX
#
_entry.id   9JYX
#
_cell.length_a   130.243
_cell.length_b   130.243
_cell.length_c   105.573
_cell.angle_alpha   90.00
_cell.angle_beta   90.00
_cell.angle_gamma   120.00
#
_symmetry.space_group_name_H-M   'P 31 2 1'
#
loop_
_entity.id
_entity.type
_entity.pdbx_description
1 polymer 'Membrane-associated phosphatidylinositol transfer protein 1'
2 non-polymer 'PHOSPHATE ION'
3 water water
#
_entity_poly.entity_id   1
_entity_poly.type   'polypeptide(L)'
_entity_poly.pdbx_seq_one_letter_code
;SEACAVHALFLILHSGNILDSGPGDANSKQADVQTLSSAFEAVTRIHFPEALGHVALRLVPCPPICAAAYALVSNLSPYS
HDGDSLSRSQDHIPLAALPLLATSSSRYQGAVATVIARTNQAYSAFLRSPEGAGFCGQVALIGDGVGGILGFDALCHSAN
TARLDFKVSGFFLFGSPLGLVLALRKTVMPALEAAQMRPACEQIYNLFHAADPCASRLEPLLAPKFQAIAPLTVPRYQKF
PLGDGSSLLLADTLQTHSSLFLEELEMLVPSTPTSTSGAFWKGSELATDPPAQPAAPSTTSEVVKILERWWGTKRIDYSL
YCPEALTAFPTVTLPHLFHASYWESADVVAFILRQVIEKE
;
_entity_poly.pdbx_strand_id   A,B,C
#
# COMPACT_ATOMS: atom_id res chain seq x y z
N ALA A 3 -30.73 17.63 -42.48
CA ALA A 3 -30.57 16.67 -43.56
C ALA A 3 -30.43 15.24 -43.04
N CYS A 4 -29.36 15.00 -42.28
CA CYS A 4 -29.11 13.66 -41.74
C CYS A 4 -29.56 13.54 -40.29
N ALA A 5 -29.92 12.31 -39.91
CA ALA A 5 -30.53 12.05 -38.61
C ALA A 5 -29.60 11.99 -37.41
N VAL A 6 -28.34 11.57 -37.59
CA VAL A 6 -27.48 11.47 -36.43
C VAL A 6 -27.02 12.87 -36.01
N HIS A 7 -27.05 13.12 -34.70
CA HIS A 7 -26.67 14.42 -34.17
C HIS A 7 -25.39 14.30 -33.37
N ALA A 8 -25.03 13.05 -33.06
CA ALA A 8 -23.87 12.77 -32.23
C ALA A 8 -23.26 11.42 -32.58
N LEU A 9 -21.99 11.44 -32.96
CA LEU A 9 -21.28 10.22 -33.35
C LEU A 9 -20.27 9.84 -32.27
N PHE A 10 -20.39 8.63 -31.75
CA PHE A 10 -19.43 8.14 -30.77
C PHE A 10 -18.44 7.17 -31.41
N LEU A 11 -17.17 7.55 -31.39
CA LEU A 11 -16.12 6.66 -31.87
C LEU A 11 -15.47 5.95 -30.71
N ILE A 12 -15.53 4.62 -30.74
CA ILE A 12 -15.02 3.82 -29.63
C ILE A 12 -13.64 3.23 -29.94
N LEU A 13 -12.63 3.74 -29.26
CA LEU A 13 -11.27 3.26 -29.35
C LEU A 13 -11.12 2.03 -28.46
N HIS A 14 -11.08 0.87 -29.09
CA HIS A 14 -11.17 -0.41 -28.40
C HIS A 14 -9.86 -1.18 -28.54
N SER A 15 -9.00 -1.09 -27.52
CA SER A 15 -7.75 -1.83 -27.51
C SER A 15 -7.98 -3.22 -26.91
N GLY A 16 -9.08 -3.34 -26.18
CA GLY A 16 -9.42 -4.59 -25.51
C GLY A 16 -8.96 -4.65 -24.07
N ASN A 17 -9.39 -5.71 -23.39
CA ASN A 17 -8.95 -6.01 -22.02
C ASN A 17 -7.42 -5.98 -21.95
N ILE A 18 -6.89 -5.38 -20.90
CA ILE A 18 -5.44 -5.19 -20.79
C ILE A 18 -4.70 -6.51 -20.64
N LEU A 19 -5.45 -7.58 -20.38
CA LEU A 19 -4.87 -8.90 -20.17
C LEU A 19 -4.67 -9.80 -21.40
N ASP A 20 -5.09 -9.38 -22.59
CA ASP A 20 -4.91 -10.28 -23.72
C ASP A 20 -3.68 -9.85 -24.53
N SER A 21 -2.66 -10.71 -24.54
CA SER A 21 -1.45 -10.44 -25.31
C SER A 21 -1.68 -10.75 -26.78
N GLY A 22 -2.79 -11.43 -27.04
CA GLY A 22 -3.11 -11.93 -28.36
C GLY A 22 -3.68 -10.87 -29.26
N PRO A 23 -3.59 -11.08 -30.59
CA PRO A 23 -4.03 -10.01 -31.48
C PRO A 23 -5.53 -9.84 -31.46
N GLY A 24 -5.94 -8.57 -31.43
CA GLY A 24 -7.31 -8.23 -31.12
C GLY A 24 -8.26 -8.67 -32.22
N ASP A 25 -9.22 -9.52 -31.87
CA ASP A 25 -10.21 -9.92 -32.85
C ASP A 25 -11.14 -8.72 -33.02
N ALA A 26 -11.38 -8.33 -34.26
CA ALA A 26 -12.12 -7.10 -34.54
C ALA A 26 -13.59 -7.40 -34.83
N ASN A 27 -14.02 -8.60 -34.49
CA ASN A 27 -15.42 -8.96 -34.57
C ASN A 27 -15.91 -9.39 -33.19
N SER A 28 -15.00 -9.34 -32.23
CA SER A 28 -15.33 -9.45 -30.82
C SER A 28 -15.43 -8.07 -30.18
N LYS A 29 -14.74 -7.10 -30.79
CA LYS A 29 -14.85 -5.71 -30.37
C LYS A 29 -16.21 -5.14 -30.80
N GLN A 30 -16.67 -5.58 -31.97
CA GLN A 30 -17.96 -5.10 -32.48
C GLN A 30 -19.11 -5.66 -31.66
N ALA A 31 -18.89 -6.81 -31.04
CA ALA A 31 -19.86 -7.37 -30.10
C ALA A 31 -20.03 -6.44 -28.90
N ASP A 32 -18.89 -5.96 -28.38
CA ASP A 32 -18.87 -5.00 -27.29
C ASP A 32 -19.59 -3.71 -27.68
N VAL A 33 -19.25 -3.19 -28.86
CA VAL A 33 -19.84 -1.94 -29.33
C VAL A 33 -21.35 -2.09 -29.50
N GLN A 34 -21.77 -3.29 -29.89
CA GLN A 34 -23.17 -3.53 -30.18
C GLN A 34 -23.95 -3.72 -28.88
N THR A 35 -23.24 -4.20 -27.86
CA THR A 35 -23.79 -4.25 -26.52
C THR A 35 -24.02 -2.83 -26.03
N LEU A 36 -23.03 -1.98 -26.24
CA LEU A 36 -23.11 -0.60 -25.77
C LEU A 36 -24.25 0.14 -26.46
N SER A 37 -24.37 -0.06 -27.77
CA SER A 37 -25.45 0.57 -28.53
C SER A 37 -26.82 0.07 -28.10
N SER A 38 -26.93 -1.23 -27.83
CA SER A 38 -28.20 -1.77 -27.35
C SER A 38 -28.58 -1.18 -25.99
N ALA A 39 -27.58 -0.95 -25.15
CA ALA A 39 -27.83 -0.33 -23.86
C ALA A 39 -28.29 1.10 -24.09
N PHE A 40 -27.64 1.76 -25.05
CA PHE A 40 -27.98 3.13 -25.42
C PHE A 40 -29.43 3.25 -25.81
N GLU A 41 -29.91 2.34 -26.66
CA GLU A 41 -31.27 2.45 -27.17
C GLU A 41 -32.26 2.05 -26.08
N ALA A 42 -31.83 1.12 -25.22
CA ALA A 42 -32.65 0.70 -24.09
C ALA A 42 -32.92 1.88 -23.16
N VAL A 43 -31.89 2.69 -22.92
CA VAL A 43 -32.04 3.84 -22.04
C VAL A 43 -32.79 4.97 -22.74
N THR A 44 -32.46 5.17 -24.00
CA THR A 44 -33.05 6.25 -24.81
C THR A 44 -34.55 6.09 -24.94
N ARG A 45 -34.98 4.87 -25.27
CA ARG A 45 -36.39 4.58 -25.50
C ARG A 45 -37.24 4.95 -24.28
N ILE A 46 -36.67 4.89 -23.08
CA ILE A 46 -37.47 5.18 -21.89
C ILE A 46 -37.26 6.60 -21.36
N HIS A 47 -36.02 7.07 -21.32
CA HIS A 47 -35.74 8.31 -20.60
C HIS A 47 -35.26 9.44 -21.50
N PHE A 48 -34.79 9.11 -22.70
CA PHE A 48 -34.38 10.15 -23.64
C PHE A 48 -35.01 9.99 -25.03
N PRO A 49 -36.34 10.00 -25.12
CA PRO A 49 -37.02 9.68 -26.38
C PRO A 49 -36.83 10.73 -27.46
N GLU A 50 -36.53 11.96 -27.05
CA GLU A 50 -36.28 13.06 -27.98
C GLU A 50 -35.13 12.72 -28.95
N ALA A 51 -34.20 11.90 -28.49
CA ALA A 51 -32.96 11.65 -29.21
C ALA A 51 -32.90 10.23 -29.75
N LEU A 52 -34.07 9.60 -29.86
CA LEU A 52 -34.18 8.28 -30.46
C LEU A 52 -33.72 8.22 -31.91
N GLY A 53 -32.75 7.35 -32.18
CA GLY A 53 -32.24 7.17 -33.52
C GLY A 53 -31.35 8.30 -33.99
N HIS A 54 -31.00 9.19 -33.05
CA HIS A 54 -30.13 10.31 -33.35
C HIS A 54 -28.71 10.13 -32.79
N VAL A 55 -28.37 8.91 -32.40
CA VAL A 55 -27.05 8.60 -31.86
C VAL A 55 -26.46 7.37 -32.56
N ALA A 56 -25.20 7.46 -32.97
CA ALA A 56 -24.52 6.36 -33.64
C ALA A 56 -23.22 5.97 -32.93
N LEU A 57 -22.94 4.67 -32.91
CA LEU A 57 -21.73 4.15 -32.28
C LEU A 57 -20.93 3.35 -33.30
N ARG A 58 -19.65 3.68 -33.43
CA ARG A 58 -18.79 3.02 -34.42
C ARG A 58 -17.46 2.57 -33.83
N LEU A 59 -17.08 1.34 -34.13
CA LEU A 59 -15.84 0.76 -33.65
C LEU A 59 -14.59 1.38 -34.30
N VAL A 60 -13.59 1.63 -33.47
CA VAL A 60 -12.25 1.95 -33.96
C VAL A 60 -11.28 0.97 -33.30
N PRO A 61 -10.93 -0.10 -34.01
CA PRO A 61 -10.08 -1.16 -33.45
C PRO A 61 -8.67 -0.67 -33.17
N CYS A 62 -8.29 -0.68 -31.89
CA CYS A 62 -7.00 -0.16 -31.47
C CYS A 62 -6.05 -1.27 -31.05
N PRO A 63 -4.74 -1.02 -31.11
CA PRO A 63 -3.75 -2.05 -30.79
C PRO A 63 -3.71 -2.40 -29.31
N PRO A 64 -3.43 -3.67 -28.98
CA PRO A 64 -3.16 -4.10 -27.61
C PRO A 64 -1.73 -3.74 -27.22
N ILE A 65 -1.49 -2.46 -26.94
CA ILE A 65 -0.13 -1.96 -26.75
C ILE A 65 0.60 -2.57 -25.55
N CYS A 66 -0.16 -3.20 -24.66
CA CYS A 66 0.42 -3.77 -23.44
C CYS A 66 0.84 -5.23 -23.61
N ALA A 67 0.62 -5.79 -24.80
CA ALA A 67 0.87 -7.20 -25.05
C ALA A 67 2.35 -7.56 -24.81
N ALA A 68 3.23 -6.80 -25.44
CA ALA A 68 4.67 -7.02 -25.33
C ALA A 68 5.12 -6.88 -23.88
N ALA A 69 4.59 -5.87 -23.19
CA ALA A 69 4.91 -5.64 -21.79
C ALA A 69 4.46 -6.81 -20.91
N TYR A 70 3.26 -7.32 -21.19
CA TYR A 70 2.74 -8.47 -20.46
C TYR A 70 3.65 -9.68 -20.66
N ALA A 71 4.07 -9.91 -21.90
CA ALA A 71 4.98 -11.02 -22.21
C ALA A 71 6.30 -10.87 -21.45
N LEU A 72 6.85 -9.66 -21.52
CA LEU A 72 8.12 -9.34 -20.87
C LEU A 72 8.05 -9.61 -19.38
N VAL A 73 7.03 -9.06 -18.74
CA VAL A 73 6.90 -9.16 -17.30
C VAL A 73 6.61 -10.62 -16.89
N SER A 74 5.92 -11.36 -17.76
CA SER A 74 5.68 -12.78 -17.52
C SER A 74 6.99 -13.57 -17.57
N ASN A 75 7.86 -13.23 -18.52
CA ASN A 75 9.16 -13.90 -18.62
C ASN A 75 10.07 -13.60 -17.43
N LEU A 76 9.77 -12.52 -16.70
CA LEU A 76 10.59 -12.14 -15.56
C LEU A 76 9.99 -12.71 -14.27
N SER A 77 8.85 -13.37 -14.41
CA SER A 77 8.19 -14.00 -13.27
C SER A 77 9.03 -15.13 -12.72
N PRO A 78 9.01 -15.31 -11.38
CA PRO A 78 9.66 -16.45 -10.74
C PRO A 78 9.11 -17.79 -11.23
N TYR A 79 7.93 -17.76 -11.86
CA TYR A 79 7.34 -18.96 -12.46
C TYR A 79 7.37 -18.95 -14.00
N SER A 80 8.31 -18.21 -14.59
CA SER A 80 8.37 -18.03 -16.04
C SER A 80 8.45 -19.34 -16.82
N HIS A 81 9.09 -20.35 -16.24
CA HIS A 81 9.24 -21.64 -16.90
C HIS A 81 7.91 -22.39 -17.05
N ASP A 82 6.91 -22.02 -16.27
CA ASP A 82 5.61 -22.68 -16.37
C ASP A 82 4.78 -22.09 -17.52
N GLY A 83 4.40 -22.94 -18.47
CA GLY A 83 3.66 -22.52 -19.64
C GLY A 83 2.15 -22.54 -19.52
N ASP A 84 1.65 -23.24 -18.51
CA ASP A 84 0.22 -23.47 -18.30
C ASP A 84 -0.50 -22.21 -17.81
N SER A 85 -1.49 -21.74 -18.56
CA SER A 85 -2.17 -20.49 -18.20
C SER A 85 -2.96 -20.59 -16.90
N LEU A 86 -3.68 -21.69 -16.69
CA LEU A 86 -4.22 -22.01 -15.36
C LEU A 86 -3.19 -21.94 -14.24
N SER A 87 -2.01 -22.50 -14.48
CA SER A 87 -0.95 -22.51 -13.48
C SER A 87 -0.41 -21.10 -13.24
N ARG A 88 -0.37 -20.30 -14.30
CA ARG A 88 0.12 -18.93 -14.22
C ARG A 88 -1.03 -17.94 -14.14
N SER A 89 -2.14 -18.36 -13.53
CA SER A 89 -3.31 -17.51 -13.39
C SER A 89 -3.59 -17.20 -11.93
N GLN A 90 -2.55 -17.26 -11.11
CA GLN A 90 -2.68 -16.98 -9.68
C GLN A 90 -1.47 -16.21 -9.15
N ASP A 91 -0.42 -16.16 -9.96
CA ASP A 91 0.80 -15.45 -9.58
C ASP A 91 0.48 -13.95 -9.67
N HIS A 92 1.36 -13.11 -9.14
CA HIS A 92 1.13 -11.67 -9.12
C HIS A 92 1.31 -10.97 -10.45
N ILE A 93 0.20 -10.55 -11.08
CA ILE A 93 0.31 -9.71 -12.27
C ILE A 93 0.54 -8.27 -11.84
N PRO A 94 1.68 -7.69 -12.23
CA PRO A 94 1.96 -6.27 -12.00
C PRO A 94 1.21 -5.40 -13.00
N LEU A 95 -0.11 -5.31 -12.86
CA LEU A 95 -0.95 -4.58 -13.82
C LEU A 95 -0.46 -3.14 -14.03
N ALA A 96 0.04 -2.53 -12.97
CA ALA A 96 0.42 -1.12 -13.01
C ALA A 96 1.62 -0.88 -13.92
N ALA A 97 2.51 -1.87 -14.01
CA ALA A 97 3.74 -1.72 -14.79
C ALA A 97 3.47 -1.77 -16.28
N LEU A 98 2.38 -2.44 -16.67
CA LEU A 98 2.10 -2.68 -18.08
C LEU A 98 1.91 -1.39 -18.91
N PRO A 99 1.06 -0.44 -18.46
CA PRO A 99 0.95 0.76 -19.28
C PRO A 99 2.22 1.62 -19.30
N LEU A 100 2.99 1.57 -18.21
CA LEU A 100 4.21 2.36 -18.13
C LEU A 100 5.25 1.82 -19.13
N LEU A 101 5.44 0.51 -19.11
CA LEU A 101 6.35 -0.14 -20.06
C LEU A 101 5.87 0.06 -21.49
N ALA A 102 4.56 -0.09 -21.70
CA ALA A 102 3.98 0.02 -23.04
C ALA A 102 4.17 1.42 -23.61
N THR A 103 3.92 2.46 -22.81
CA THR A 103 4.07 3.83 -23.29
C THR A 103 5.50 4.34 -23.17
N SER A 104 6.40 3.52 -22.65
CA SER A 104 7.81 3.88 -22.63
C SER A 104 8.56 3.28 -23.81
N SER A 105 7.83 2.53 -24.63
CA SER A 105 8.45 1.90 -25.83
C SER A 105 8.86 2.98 -26.83
N SER A 106 10.01 2.80 -27.50
CA SER A 106 10.47 3.76 -28.55
C SER A 106 9.66 3.53 -29.83
N ARG A 107 8.51 2.87 -29.72
CA ARG A 107 7.70 2.57 -30.93
C ARG A 107 6.22 2.89 -30.64
N TYR A 108 5.89 3.25 -29.40
CA TYR A 108 4.50 3.64 -29.08
C TYR A 108 4.04 4.70 -29.97
N GLN A 109 4.74 5.79 -30.08
CA GLN A 109 4.21 6.84 -30.99
C GLN A 109 3.57 6.18 -32.21
N GLY A 110 4.25 5.19 -32.80
CA GLY A 110 3.70 4.48 -33.93
C GLY A 110 2.27 4.01 -33.70
N ALA A 111 2.02 3.50 -32.49
CA ALA A 111 0.68 3.02 -32.11
C ALA A 111 -0.32 4.17 -32.02
N VAL A 112 0.13 5.29 -31.47
CA VAL A 112 -0.70 6.49 -31.39
C VAL A 112 -1.11 6.93 -32.80
N ALA A 113 -0.12 6.95 -33.68
CA ALA A 113 -0.33 7.25 -35.09
C ALA A 113 -1.35 6.31 -35.72
N THR A 114 -1.18 5.02 -35.44
CA THR A 114 -2.10 3.99 -35.92
C THR A 114 -3.53 4.30 -35.50
N VAL A 115 -3.69 4.62 -34.23
CA VAL A 115 -5.01 4.95 -33.70
C VAL A 115 -5.60 6.14 -34.45
N ILE A 116 -4.81 7.20 -34.64
CA ILE A 116 -5.31 8.32 -35.42
C ILE A 116 -5.72 7.95 -36.86
N ALA A 117 -4.91 7.13 -37.53
CA ALA A 117 -5.23 6.71 -38.88
C ALA A 117 -6.59 5.99 -38.88
N ARG A 118 -6.81 5.08 -37.95
CA ARG A 118 -8.05 4.31 -37.98
C ARG A 118 -9.27 5.04 -37.40
N THR A 119 -9.02 6.07 -36.60
CA THR A 119 -10.10 6.92 -36.11
C THR A 119 -10.60 7.79 -37.25
N ASN A 120 -9.65 8.36 -37.99
CA ASN A 120 -9.98 9.13 -39.17
C ASN A 120 -10.67 8.27 -40.22
N GLN A 121 -10.19 7.05 -40.41
CA GLN A 121 -10.80 6.15 -41.39
C GLN A 121 -12.23 5.81 -40.97
N ALA A 122 -12.46 5.60 -39.68
CA ALA A 122 -13.83 5.30 -39.23
C ALA A 122 -14.74 6.52 -39.38
N TYR A 123 -14.18 7.70 -39.13
CA TYR A 123 -14.93 8.94 -39.22
C TYR A 123 -15.31 9.23 -40.67
N SER A 124 -14.43 8.86 -41.59
CA SER A 124 -14.67 9.07 -43.00
C SER A 124 -15.33 7.85 -43.64
N ALA A 125 -15.60 6.84 -42.83
CA ALA A 125 -16.40 5.71 -43.28
C ALA A 125 -17.84 5.98 -42.90
N PHE A 126 -18.02 6.71 -41.80
CA PHE A 126 -19.36 7.09 -41.37
C PHE A 126 -19.95 8.17 -42.27
N LEU A 127 -19.12 9.14 -42.66
CA LEU A 127 -19.58 10.24 -43.50
C LEU A 127 -20.10 9.76 -44.85
N ARG A 128 -19.34 8.86 -45.48
CA ARG A 128 -19.73 8.30 -46.78
C ARG A 128 -20.69 7.11 -46.64
N SER A 129 -21.13 6.86 -45.42
CA SER A 129 -22.19 5.88 -45.19
C SER A 129 -23.57 6.52 -45.34
N PRO A 130 -24.60 5.69 -45.60
CA PRO A 130 -25.98 6.18 -45.74
C PRO A 130 -26.47 6.90 -44.49
N GLU A 131 -26.16 6.33 -43.33
CA GLU A 131 -26.55 6.91 -42.04
C GLU A 131 -25.85 8.22 -41.72
N GLY A 132 -24.62 8.38 -42.20
CA GLY A 132 -23.84 9.57 -41.90
C GLY A 132 -23.73 10.55 -43.06
N ALA A 133 -24.46 10.28 -44.13
CA ALA A 133 -24.51 11.21 -45.26
C ALA A 133 -25.19 12.53 -44.87
N GLY A 134 -24.42 13.61 -44.93
CA GLY A 134 -24.91 14.93 -44.57
C GLY A 134 -24.82 15.24 -43.09
N PHE A 135 -23.95 14.51 -42.39
CA PHE A 135 -23.80 14.65 -40.95
C PHE A 135 -22.94 15.86 -40.61
N CYS A 136 -23.43 16.74 -39.75
CA CYS A 136 -22.63 17.90 -39.32
C CYS A 136 -22.55 18.03 -37.79
N GLY A 137 -23.12 17.07 -37.07
CA GLY A 137 -23.21 17.11 -35.62
C GLY A 137 -21.91 16.94 -34.83
N GLN A 138 -22.04 17.06 -33.51
CA GLN A 138 -20.94 16.80 -32.58
C GLN A 138 -20.40 15.37 -32.60
N VAL A 139 -19.11 15.23 -32.30
CA VAL A 139 -18.45 13.93 -32.23
C VAL A 139 -17.77 13.71 -30.87
N ALA A 140 -17.95 12.51 -30.30
CA ALA A 140 -17.33 12.18 -29.02
C ALA A 140 -16.47 10.93 -29.12
N LEU A 141 -15.46 10.84 -28.24
CA LEU A 141 -14.61 9.66 -28.17
C LEU A 141 -14.88 8.87 -26.89
N ILE A 142 -14.96 7.55 -27.04
CA ILE A 142 -15.02 6.64 -25.90
C ILE A 142 -13.86 5.68 -25.97
N GLY A 143 -13.05 5.59 -24.92
CA GLY A 143 -11.95 4.65 -24.92
C GLY A 143 -12.03 3.67 -23.77
N ASP A 144 -11.71 2.41 -24.00
CA ASP A 144 -11.59 1.47 -22.90
C ASP A 144 -10.26 1.73 -22.19
N GLY A 145 -9.93 0.92 -21.20
CA GLY A 145 -8.78 1.18 -20.34
C GLY A 145 -7.48 1.56 -21.04
N VAL A 146 -7.09 0.77 -22.03
CA VAL A 146 -5.88 1.01 -22.80
C VAL A 146 -6.15 2.02 -23.94
N GLY A 147 -7.28 1.77 -24.59
CA GLY A 147 -7.74 2.62 -25.68
C GLY A 147 -7.82 4.06 -25.22
N GLY A 148 -8.21 4.26 -23.97
CA GLY A 148 -8.27 5.59 -23.38
C GLY A 148 -6.93 6.29 -23.39
N ILE A 149 -5.86 5.55 -23.11
CA ILE A 149 -4.52 6.13 -23.11
C ILE A 149 -4.15 6.54 -24.51
N LEU A 150 -4.36 5.61 -25.46
CA LEU A 150 -4.06 5.95 -26.86
C LEU A 150 -4.85 7.17 -27.34
N GLY A 151 -6.14 7.22 -27.03
CA GLY A 151 -7.01 8.32 -27.40
C GLY A 151 -6.53 9.64 -26.85
N PHE A 152 -6.19 9.64 -25.57
CA PHE A 152 -5.67 10.83 -24.91
C PHE A 152 -4.44 11.33 -25.64
N ASP A 153 -3.51 10.42 -25.88
CA ASP A 153 -2.26 10.83 -26.53
C ASP A 153 -2.52 11.33 -27.94
N ALA A 154 -3.54 10.81 -28.60
CA ALA A 154 -3.91 11.30 -29.93
C ALA A 154 -4.47 12.73 -29.84
N LEU A 155 -5.21 12.99 -28.77
CA LEU A 155 -5.80 14.30 -28.57
C LEU A 155 -4.79 15.37 -28.19
N CYS A 156 -3.74 14.98 -27.48
CA CYS A 156 -2.70 15.91 -27.06
C CYS A 156 -1.77 16.27 -28.22
N HIS A 157 -2.30 17.00 -29.19
CA HIS A 157 -1.51 17.40 -30.35
C HIS A 157 -1.15 16.19 -31.21
N ARG A 163 -4.05 16.42 -36.14
CA ARG A 163 -4.16 15.19 -36.91
C ARG A 163 -5.55 14.59 -37.04
N LEU A 164 -6.41 14.76 -36.05
CA LEU A 164 -7.73 14.16 -36.19
C LEU A 164 -8.58 15.08 -37.05
N ASP A 165 -9.24 14.47 -38.03
CA ASP A 165 -10.04 15.16 -39.03
C ASP A 165 -11.22 15.97 -38.50
N PHE A 166 -11.54 15.79 -37.23
CA PHE A 166 -12.79 16.31 -36.65
C PHE A 166 -12.51 16.92 -35.29
N LYS A 167 -13.49 17.65 -34.78
CA LYS A 167 -13.33 18.27 -33.48
C LYS A 167 -14.12 17.49 -32.42
N VAL A 168 -13.48 17.19 -31.30
CA VAL A 168 -14.16 16.36 -30.30
C VAL A 168 -14.67 17.15 -29.09
N SER A 169 -15.99 17.20 -28.95
CA SER A 169 -16.66 17.81 -27.80
C SER A 169 -16.42 17.09 -26.47
N GLY A 170 -16.47 15.76 -26.52
CA GLY A 170 -16.42 14.94 -25.31
C GLY A 170 -15.47 13.75 -25.44
N PHE A 171 -15.00 13.26 -24.30
CA PHE A 171 -14.02 12.17 -24.30
C PHE A 171 -14.28 11.36 -23.04
N PHE A 172 -14.69 10.12 -23.20
CA PHE A 172 -15.05 9.28 -22.07
C PHE A 172 -14.08 8.12 -21.92
N LEU A 173 -13.50 7.96 -20.73
CA LEU A 173 -12.58 6.86 -20.48
C LEU A 173 -13.17 5.82 -19.53
N PHE A 174 -13.10 4.56 -19.93
CA PHE A 174 -13.65 3.44 -19.15
C PHE A 174 -12.55 2.71 -18.40
N GLY A 175 -12.39 3.02 -17.12
CA GLY A 175 -11.43 2.33 -16.26
C GLY A 175 -9.99 2.38 -16.76
N SER A 176 -9.54 3.55 -17.18
CA SER A 176 -8.22 3.68 -17.80
C SER A 176 -7.12 4.02 -16.79
N PRO A 177 -5.98 3.32 -16.89
CA PRO A 177 -4.82 3.60 -16.03
C PRO A 177 -4.00 4.78 -16.53
N LEU A 178 -4.62 5.62 -17.36
CA LEU A 178 -3.98 6.79 -17.94
C LEU A 178 -3.29 7.64 -16.89
N GLY A 179 -3.97 7.82 -15.76
CA GLY A 179 -3.48 8.64 -14.67
C GLY A 179 -2.10 8.22 -14.19
N LEU A 180 -1.83 6.92 -14.25
CA LEU A 180 -0.52 6.43 -13.83
C LEU A 180 0.52 6.87 -14.84
N VAL A 181 0.21 6.68 -16.13
CA VAL A 181 1.12 7.06 -17.20
C VAL A 181 1.56 8.51 -17.08
N LEU A 182 0.59 9.41 -16.92
CA LEU A 182 0.90 10.82 -16.80
C LEU A 182 1.82 11.04 -15.61
N ALA A 183 1.56 10.34 -14.51
CA ALA A 183 2.38 10.50 -13.33
C ALA A 183 3.83 10.21 -13.69
N LEU A 184 4.03 9.12 -14.45
CA LEU A 184 5.37 8.74 -14.88
C LEU A 184 5.97 9.86 -15.69
N ARG A 185 5.21 10.34 -16.66
CA ARG A 185 5.68 11.41 -17.53
C ARG A 185 6.08 12.59 -16.66
N LYS A 186 5.21 12.92 -15.70
CA LYS A 186 5.41 14.09 -14.87
C LYS A 186 6.69 13.93 -14.04
N THR A 187 6.98 12.66 -13.75
CA THR A 187 8.20 12.19 -13.10
C THR A 187 9.50 12.20 -13.93
N VAL A 188 9.41 11.79 -15.21
CA VAL A 188 10.59 11.64 -16.08
C VAL A 188 11.13 13.02 -16.33
N MET A 189 10.20 13.94 -16.57
CA MET A 189 10.54 15.35 -16.83
C MET A 189 9.53 16.15 -16.00
N PRO A 190 9.96 17.05 -15.07
CA PRO A 190 9.02 17.88 -14.34
C PRO A 190 8.90 19.22 -15.03
N ALA A 191 9.09 19.24 -16.35
CA ALA A 191 8.99 20.50 -17.13
C ALA A 191 7.52 20.81 -17.40
N ALA A 195 -0.72 22.38 -18.48
CA ALA A 195 0.62 22.11 -19.02
C ALA A 195 0.47 21.85 -20.48
N GLN A 196 1.39 21.06 -20.96
CA GLN A 196 1.41 20.85 -22.42
C GLN A 196 0.48 19.71 -22.74
N MET A 197 0.13 18.94 -21.74
CA MET A 197 -0.67 17.71 -22.01
C MET A 197 -2.16 18.02 -22.05
N ARG A 198 -2.51 19.24 -22.39
CA ARG A 198 -3.93 19.61 -22.43
C ARG A 198 -4.61 18.98 -23.62
N PRO A 199 -5.60 18.15 -23.39
CA PRO A 199 -6.20 17.47 -24.53
C PRO A 199 -7.10 18.39 -25.34
N ALA A 200 -7.13 18.19 -26.66
CA ALA A 200 -7.96 19.00 -27.53
C ALA A 200 -9.38 18.44 -27.61
N CYS A 201 -10.10 18.55 -26.51
CA CYS A 201 -11.51 18.15 -26.45
C CYS A 201 -12.19 19.14 -25.53
N GLU A 202 -13.51 19.24 -25.62
CA GLU A 202 -14.21 20.21 -24.80
C GLU A 202 -14.38 19.69 -23.36
N GLN A 203 -14.19 18.38 -23.17
CA GLN A 203 -14.26 17.78 -21.83
C GLN A 203 -13.74 16.34 -21.75
N ILE A 204 -13.07 16.02 -20.64
CA ILE A 204 -12.65 14.65 -20.33
C ILE A 204 -13.39 14.08 -19.12
N TYR A 205 -13.90 12.86 -19.29
CA TYR A 205 -14.62 12.13 -18.24
C TYR A 205 -13.86 10.86 -17.87
N ASN A 206 -13.12 10.90 -16.75
CA ASN A 206 -12.42 9.73 -16.27
C ASN A 206 -13.35 8.86 -15.42
N LEU A 207 -13.92 7.83 -16.05
CA LEU A 207 -14.88 6.97 -15.36
C LEU A 207 -14.22 5.72 -14.80
N PHE A 208 -14.45 5.42 -13.52
CA PHE A 208 -13.83 4.23 -12.95
C PHE A 208 -14.63 3.58 -11.81
N HIS A 209 -14.44 2.28 -11.66
CA HIS A 209 -14.85 1.60 -10.44
C HIS A 209 -13.65 1.68 -9.49
N ALA A 210 -13.90 2.03 -8.24
CA ALA A 210 -12.81 2.19 -7.27
C ALA A 210 -12.04 0.88 -7.05
N ALA A 211 -12.76 -0.23 -7.11
CA ALA A 211 -12.15 -1.54 -6.87
C ALA A 211 -11.32 -2.03 -8.07
N ASP A 212 -11.39 -1.31 -9.18
CA ASP A 212 -10.59 -1.65 -10.35
C ASP A 212 -9.12 -1.32 -10.10
N PRO A 213 -8.24 -2.31 -10.26
CA PRO A 213 -6.80 -2.09 -10.06
C PRO A 213 -6.19 -1.12 -11.07
N CYS A 214 -6.86 -0.88 -12.18
CA CYS A 214 -6.37 0.11 -13.16
C CYS A 214 -6.95 1.50 -12.91
N ALA A 215 -7.89 1.62 -11.99
CA ALA A 215 -8.50 2.91 -11.70
C ALA A 215 -7.50 3.88 -11.07
N SER A 216 -7.34 5.04 -11.68
CA SER A 216 -6.50 6.10 -11.14
C SER A 216 -7.06 7.49 -11.49
N ARG A 217 -7.06 8.37 -10.50
CA ARG A 217 -7.57 9.73 -10.68
C ARG A 217 -6.69 10.57 -11.59
N LEU A 218 -7.29 11.58 -12.21
CA LEU A 218 -6.56 12.54 -13.03
C LEU A 218 -6.48 13.90 -12.34
N GLU A 219 -7.52 14.24 -11.59
CA GLU A 219 -7.66 15.56 -10.99
C GLU A 219 -6.49 16.02 -10.11
N PRO A 220 -5.98 15.15 -9.19
CA PRO A 220 -4.86 15.62 -8.39
C PRO A 220 -3.60 15.97 -9.20
N LEU A 221 -3.57 15.58 -10.47
CA LEU A 221 -2.45 15.92 -11.33
C LEU A 221 -2.58 17.35 -11.85
N LEU A 222 -3.81 17.85 -11.87
CA LEU A 222 -4.09 19.20 -12.33
C LEU A 222 -4.07 20.20 -11.15
N ALA A 223 -4.68 19.80 -10.05
CA ALA A 223 -4.63 20.55 -8.80
C ALA A 223 -4.43 19.55 -7.68
N PRO A 224 -3.22 19.51 -7.09
CA PRO A 224 -2.86 18.40 -6.18
C PRO A 224 -3.77 18.12 -4.96
N LYS A 225 -4.38 19.14 -4.34
CA LYS A 225 -5.20 18.92 -3.14
C LYS A 225 -6.63 18.55 -3.55
N PHE A 226 -6.83 18.31 -4.85
CA PHE A 226 -8.07 17.64 -5.26
C PHE A 226 -7.91 16.20 -4.80
N GLN A 227 -6.73 15.89 -4.27
CA GLN A 227 -6.55 14.69 -3.45
C GLN A 227 -7.66 14.65 -2.40
N ALA A 228 -7.93 15.79 -1.76
CA ALA A 228 -8.82 15.79 -0.58
C ALA A 228 -10.27 15.94 -0.99
N ILE A 229 -10.51 16.10 -2.28
CA ILE A 229 -11.86 16.21 -2.78
C ILE A 229 -12.24 14.90 -3.47
N ALA A 230 -13.35 14.32 -3.01
CA ALA A 230 -13.83 13.05 -3.55
C ALA A 230 -14.15 13.18 -5.02
N PRO A 231 -13.95 12.10 -5.78
CA PRO A 231 -14.45 12.07 -7.16
C PRO A 231 -15.96 12.26 -7.17
N LEU A 232 -16.50 12.85 -8.22
CA LEU A 232 -17.95 12.92 -8.34
C LEU A 232 -18.51 11.50 -8.42
N THR A 233 -19.71 11.30 -7.89
CA THR A 233 -20.34 9.99 -7.91
C THR A 233 -21.21 9.87 -9.15
N VAL A 234 -21.12 8.73 -9.83
CA VAL A 234 -22.07 8.42 -10.89
C VAL A 234 -23.27 7.70 -10.29
N PRO A 235 -24.45 8.33 -10.38
CA PRO A 235 -25.69 7.81 -9.78
C PRO A 235 -26.09 6.46 -10.37
N ARG A 236 -26.81 5.66 -9.59
CA ARG A 236 -27.30 4.38 -10.08
C ARG A 236 -28.56 4.61 -10.91
N TYR A 237 -28.62 3.98 -12.08
CA TYR A 237 -29.72 4.18 -13.03
C TYR A 237 -31.07 3.75 -12.50
N GLN A 238 -31.05 2.70 -11.68
CA GLN A 238 -32.27 2.13 -11.11
C GLN A 238 -32.91 3.08 -10.11
N LYS A 239 -32.10 3.93 -9.50
CA LYS A 239 -32.57 4.82 -8.45
C LYS A 239 -32.67 6.26 -8.93
N PHE A 240 -31.75 6.66 -9.80
CA PHE A 240 -31.76 8.00 -10.40
C PHE A 240 -31.52 7.92 -11.89
N PRO A 241 -32.53 7.50 -12.65
CA PRO A 241 -32.36 7.35 -14.10
C PRO A 241 -31.99 8.66 -14.78
N LEU A 242 -32.38 9.78 -14.17
CA LEU A 242 -32.12 11.08 -14.76
C LEU A 242 -31.07 11.88 -13.99
N GLY A 243 -30.25 11.20 -13.19
CA GLY A 243 -29.26 11.88 -12.38
C GLY A 243 -29.88 12.28 -11.05
N ASP A 244 -29.07 12.68 -10.08
CA ASP A 244 -29.61 13.07 -8.79
C ASP A 244 -29.65 14.58 -8.65
N GLY A 245 -29.44 15.28 -9.76
CA GLY A 245 -29.58 16.72 -9.79
C GLY A 245 -28.40 17.49 -9.22
N SER A 246 -27.37 16.77 -8.80
CA SER A 246 -26.16 17.42 -8.32
C SER A 246 -25.37 17.97 -9.49
N SER A 247 -24.50 18.95 -9.21
CA SER A 247 -23.77 19.64 -10.27
C SER A 247 -22.48 18.93 -10.66
N LEU A 248 -22.12 19.06 -11.93
CA LEU A 248 -20.89 18.47 -12.44
C LEU A 248 -19.83 19.55 -12.71
N LEU A 249 -20.21 20.81 -12.57
CA LEU A 249 -19.28 21.90 -12.93
C LEU A 249 -18.21 22.07 -11.86
N LEU A 250 -16.99 22.34 -12.32
CA LEU A 250 -15.83 22.53 -11.46
C LEU A 250 -16.01 23.69 -10.48
N ALA A 251 -16.58 24.78 -10.96
CA ALA A 251 -16.77 26.00 -10.17
C ALA A 251 -17.54 25.72 -8.89
N ASP A 252 -18.56 24.86 -8.97
CA ASP A 252 -19.39 24.57 -7.81
C ASP A 252 -18.62 23.77 -6.77
N THR A 253 -17.69 22.95 -7.23
CA THR A 253 -16.83 22.19 -6.33
C THR A 253 -15.81 23.11 -5.68
N LEU A 254 -15.31 24.07 -6.46
CA LEU A 254 -14.34 25.04 -5.97
C LEU A 254 -14.99 25.95 -4.95
N GLN A 255 -16.28 26.17 -5.11
CA GLN A 255 -17.02 27.03 -4.20
C GLN A 255 -17.41 26.26 -2.93
N THR A 256 -17.72 24.99 -3.10
CA THR A 256 -18.03 24.13 -1.98
C THR A 256 -16.79 23.86 -1.11
N HIS A 257 -15.63 23.73 -1.72
CA HIS A 257 -14.38 23.47 -0.98
C HIS A 257 -13.53 24.67 -0.66
N SER A 258 -14.06 25.87 -0.80
CA SER A 258 -13.21 27.01 -1.04
C SER A 258 -12.19 27.02 0.09
N SER A 259 -12.57 26.42 1.20
CA SER A 259 -11.76 26.42 2.42
C SER A 259 -10.28 26.13 2.19
N LEU A 260 -9.99 25.39 1.13
CA LEU A 260 -8.63 24.91 0.90
C LEU A 260 -7.72 25.72 -0.03
N PHE A 261 -8.13 26.91 -0.43
CA PHE A 261 -7.41 27.54 -1.52
C PHE A 261 -6.73 28.87 -1.17
N LEU A 262 -7.32 29.66 -0.28
CA LEU A 262 -6.61 30.85 0.22
C LEU A 262 -6.86 31.06 1.70
N SER A 301 -4.65 34.42 -6.98
CA SER A 301 -5.81 33.60 -6.66
C SER A 301 -5.71 32.23 -7.31
N GLU A 302 -5.49 31.21 -6.47
CA GLU A 302 -5.28 29.85 -6.93
C GLU A 302 -6.56 29.23 -7.48
N VAL A 303 -7.68 29.93 -7.35
CA VAL A 303 -8.96 29.38 -7.80
C VAL A 303 -9.14 29.67 -9.28
N VAL A 304 -8.79 30.88 -9.70
CA VAL A 304 -8.82 31.25 -11.11
C VAL A 304 -7.82 30.43 -11.93
N LYS A 305 -6.69 30.12 -11.31
CA LYS A 305 -5.60 29.36 -11.94
C LYS A 305 -6.04 27.94 -12.33
N ILE A 306 -6.87 27.35 -11.48
CA ILE A 306 -7.34 26.00 -11.72
C ILE A 306 -8.38 25.98 -12.84
N LEU A 307 -9.21 27.02 -12.87
CA LEU A 307 -10.25 27.12 -13.90
C LEU A 307 -9.72 27.14 -15.33
N GLU A 308 -8.64 27.88 -15.57
CA GLU A 308 -8.01 27.89 -16.89
C GLU A 308 -7.10 26.70 -17.14
N ARG A 309 -6.46 26.19 -16.10
CA ARG A 309 -5.56 25.06 -16.28
C ARG A 309 -6.37 23.82 -16.69
N TRP A 310 -7.62 23.79 -16.23
CA TRP A 310 -8.47 22.60 -16.19
C TRP A 310 -8.96 22.15 -17.55
N TRP A 311 -9.13 20.83 -17.71
CA TRP A 311 -9.64 20.26 -18.96
C TRP A 311 -11.16 20.28 -19.07
N GLY A 312 -11.73 21.42 -19.43
CA GLY A 312 -13.17 21.54 -19.57
C GLY A 312 -13.78 22.28 -18.39
N THR A 313 -15.11 22.42 -18.39
CA THR A 313 -15.78 23.15 -17.34
C THR A 313 -16.28 22.21 -16.25
N LYS A 314 -16.38 20.92 -16.58
CA LYS A 314 -16.86 19.96 -15.61
C LYS A 314 -15.69 19.25 -14.93
N ARG A 315 -15.99 18.54 -13.85
CA ARG A 315 -14.98 17.74 -13.16
C ARG A 315 -14.57 16.55 -14.03
N ILE A 316 -13.49 15.88 -13.66
CA ILE A 316 -12.95 14.81 -14.49
C ILE A 316 -13.07 13.42 -13.87
N ASP A 317 -12.92 13.33 -12.55
CA ASP A 317 -12.93 12.01 -11.91
C ASP A 317 -14.34 11.61 -11.48
N TYR A 318 -14.81 10.49 -12.05
CA TYR A 318 -16.16 9.99 -11.81
C TYR A 318 -16.14 8.55 -11.30
N SER A 319 -16.77 8.36 -10.14
CA SER A 319 -16.79 7.07 -9.47
C SER A 319 -18.10 6.32 -9.69
N LEU A 320 -18.01 5.20 -10.39
CA LEU A 320 -19.15 4.31 -10.64
C LEU A 320 -19.39 3.42 -9.43
N TYR A 321 -20.65 3.04 -9.20
CA TYR A 321 -20.97 2.17 -8.08
C TYR A 321 -20.26 0.83 -8.24
N CYS A 322 -19.77 0.29 -7.14
CA CYS A 322 -19.06 -0.97 -7.14
C CYS A 322 -19.09 -1.61 -5.75
N PRO A 323 -19.45 -2.90 -5.68
CA PRO A 323 -19.38 -3.60 -4.39
C PRO A 323 -17.95 -3.63 -3.88
N GLU A 324 -17.75 -3.54 -2.56
CA GLU A 324 -16.42 -3.54 -1.99
C GLU A 324 -15.85 -4.95 -1.90
N ALA A 325 -16.74 -5.93 -1.97
CA ALA A 325 -16.36 -7.33 -2.06
C ALA A 325 -15.41 -7.58 -3.23
N LEU A 326 -15.62 -6.84 -4.31
CA LEU A 326 -14.83 -7.00 -5.52
C LEU A 326 -13.36 -6.67 -5.30
N THR A 327 -13.07 -5.96 -4.23
CA THR A 327 -11.68 -5.62 -3.93
C THR A 327 -10.92 -6.87 -3.52
N ALA A 328 -11.65 -7.84 -2.98
CA ALA A 328 -11.04 -9.06 -2.46
C ALA A 328 -10.95 -10.15 -3.53
N PHE A 329 -11.31 -9.79 -4.76
CA PHE A 329 -11.22 -10.77 -5.85
C PHE A 329 -9.78 -10.90 -6.31
N PRO A 330 -9.41 -12.10 -6.78
CA PRO A 330 -8.08 -12.28 -7.38
C PRO A 330 -7.87 -11.31 -8.53
N THR A 331 -6.72 -10.65 -8.55
CA THR A 331 -6.44 -9.62 -9.56
C THR A 331 -6.64 -10.13 -10.99
N VAL A 332 -6.26 -11.38 -11.25
CA VAL A 332 -6.32 -11.93 -12.59
C VAL A 332 -7.73 -11.98 -13.17
N THR A 333 -8.74 -11.90 -12.30
CA THR A 333 -10.14 -12.03 -12.74
C THR A 333 -10.81 -10.69 -12.97
N LEU A 334 -10.20 -9.63 -12.48
CA LEU A 334 -10.82 -8.30 -12.46
C LEU A 334 -10.82 -7.53 -13.80
N PRO A 335 -9.70 -7.55 -14.55
CA PRO A 335 -9.74 -6.81 -15.83
C PRO A 335 -10.88 -7.27 -16.74
N HIS A 336 -11.18 -8.56 -16.71
CA HIS A 336 -12.27 -9.10 -17.51
C HIS A 336 -13.62 -8.54 -17.02
N LEU A 337 -13.92 -8.72 -15.73
CA LEU A 337 -15.15 -8.21 -15.14
C LEU A 337 -15.39 -6.73 -15.42
N PHE A 338 -14.37 -5.92 -15.15
CA PHE A 338 -14.52 -4.48 -15.29
C PHE A 338 -14.61 -4.05 -16.75
N HIS A 339 -13.75 -4.61 -17.60
CA HIS A 339 -13.81 -4.27 -19.02
C HIS A 339 -15.19 -4.62 -19.58
N ALA A 340 -15.71 -5.78 -19.18
CA ALA A 340 -16.99 -6.27 -19.68
C ALA A 340 -18.16 -5.44 -19.16
N SER A 341 -18.04 -4.92 -17.94
CA SER A 341 -19.16 -4.27 -17.28
C SER A 341 -19.61 -2.97 -17.95
N TYR A 342 -18.69 -2.27 -18.61
CA TYR A 342 -19.01 -0.97 -19.18
C TYR A 342 -20.01 -1.02 -20.34
N TRP A 343 -19.89 -2.05 -21.17
CA TRP A 343 -20.68 -2.12 -22.40
C TRP A 343 -22.16 -2.33 -22.13
N GLU A 344 -22.52 -2.77 -20.93
CA GLU A 344 -23.92 -2.98 -20.59
C GLU A 344 -24.33 -2.27 -19.30
N SER A 345 -23.52 -1.30 -18.87
CA SER A 345 -23.79 -0.55 -17.66
C SER A 345 -24.74 0.61 -17.91
N ALA A 346 -25.91 0.55 -17.29
CA ALA A 346 -26.91 1.61 -17.42
C ALA A 346 -26.44 2.92 -16.77
N ASP A 347 -25.66 2.80 -15.71
CA ASP A 347 -25.07 3.96 -15.04
C ASP A 347 -24.27 4.78 -16.06
N VAL A 348 -23.43 4.08 -16.81
CA VAL A 348 -22.55 4.68 -17.79
C VAL A 348 -23.32 5.32 -18.94
N VAL A 349 -24.25 4.56 -19.51
CA VAL A 349 -25.03 5.02 -20.65
C VAL A 349 -25.89 6.24 -20.30
N ALA A 350 -26.57 6.17 -19.15
CA ALA A 350 -27.37 7.30 -18.68
C ALA A 350 -26.50 8.54 -18.44
N PHE A 351 -25.33 8.32 -17.85
CA PHE A 351 -24.40 9.42 -17.61
C PHE A 351 -24.01 10.10 -18.94
N ILE A 352 -23.60 9.28 -19.90
CA ILE A 352 -23.12 9.79 -21.18
C ILE A 352 -24.22 10.54 -21.91
N LEU A 353 -25.40 9.94 -21.95
CA LEU A 353 -26.56 10.57 -22.58
C LEU A 353 -26.91 11.89 -21.94
N ARG A 354 -26.77 11.98 -20.61
CA ARG A 354 -27.04 13.26 -19.96
C ARG A 354 -25.97 14.27 -20.34
N GLN A 355 -24.79 13.80 -20.74
CA GLN A 355 -23.78 14.76 -21.17
C GLN A 355 -23.96 15.18 -22.64
N VAL A 356 -24.63 14.35 -23.43
CA VAL A 356 -24.81 14.69 -24.85
C VAL A 356 -26.05 15.54 -25.11
N ILE A 357 -27.15 15.23 -24.44
CA ILE A 357 -28.38 15.99 -24.60
C ILE A 357 -28.24 17.40 -24.01
N CYS B 4 45.05 -10.86 12.02
CA CYS B 4 45.04 -9.55 12.67
C CYS B 4 43.68 -8.86 12.51
N ALA B 5 42.70 -9.62 12.02
CA ALA B 5 41.34 -9.07 11.82
C ALA B 5 40.38 -10.09 11.21
N VAL B 6 39.09 -9.75 11.19
CA VAL B 6 38.02 -10.58 10.60
C VAL B 6 38.24 -10.77 9.09
N HIS B 7 37.65 -11.82 8.52
CA HIS B 7 37.91 -12.20 7.13
C HIS B 7 36.85 -11.84 6.08
N ALA B 8 35.67 -11.40 6.49
CA ALA B 8 34.62 -11.13 5.51
C ALA B 8 33.71 -9.98 5.94
N LEU B 9 33.66 -8.95 5.10
CA LEU B 9 32.88 -7.75 5.42
C LEU B 9 31.63 -7.62 4.57
N PHE B 10 30.48 -7.57 5.23
CA PHE B 10 29.22 -7.36 4.54
C PHE B 10 28.74 -5.93 4.78
N LEU B 11 28.64 -5.15 3.71
CA LEU B 11 28.08 -3.82 3.83
C LEU B 11 26.62 -3.91 3.42
N ILE B 12 25.73 -3.57 4.33
CA ILE B 12 24.31 -3.77 4.12
C ILE B 12 23.63 -2.46 3.71
N LEU B 13 23.23 -2.40 2.45
CA LEU B 13 22.53 -1.24 1.91
C LEU B 13 21.05 -1.33 2.26
N HIS B 14 20.63 -0.54 3.24
CA HIS B 14 19.31 -0.70 3.83
C HIS B 14 18.44 0.52 3.56
N SER B 15 17.60 0.43 2.53
CA SER B 15 16.64 1.50 2.23
C SER B 15 15.36 1.26 3.00
N GLY B 16 15.15 0.01 3.41
CA GLY B 16 13.95 -0.35 4.14
C GLY B 16 12.84 -0.90 3.27
N ASN B 17 11.78 -1.35 3.93
CA ASN B 17 10.56 -1.80 3.27
C ASN B 17 10.11 -0.74 2.26
N ILE B 18 9.70 -1.21 1.08
CA ILE B 18 9.38 -0.32 -0.03
C ILE B 18 8.16 0.56 0.22
N LEU B 19 7.37 0.20 1.24
CA LEU B 19 6.19 0.99 1.58
C LEU B 19 6.49 2.00 2.68
N ASP B 20 7.76 2.05 3.10
CA ASP B 20 8.16 2.93 4.17
C ASP B 20 8.24 4.29 3.48
N SER B 21 7.72 5.30 4.15
CA SER B 21 7.66 6.65 3.57
C SER B 21 8.30 7.84 4.31
N ASP B 25 14.26 5.87 12.41
CA ASP B 25 14.23 4.72 11.50
C ASP B 25 15.64 4.18 11.26
N ALA B 26 16.64 5.04 11.37
CA ALA B 26 18.02 4.64 11.16
C ALA B 26 18.46 3.60 12.17
N ASN B 27 18.06 3.81 13.43
CA ASN B 27 18.40 2.86 14.49
C ASN B 27 17.73 1.52 14.21
N SER B 28 16.49 1.59 13.72
CA SER B 28 15.72 0.41 13.40
C SER B 28 16.53 -0.41 12.40
N LYS B 29 17.20 0.29 11.48
CA LYS B 29 17.95 -0.35 10.42
C LYS B 29 19.03 -1.19 11.09
N GLN B 30 19.57 -0.65 12.18
CA GLN B 30 20.59 -1.34 12.94
C GLN B 30 19.97 -2.49 13.71
N ALA B 31 18.67 -2.39 14.00
CA ALA B 31 17.94 -3.50 14.58
C ALA B 31 17.92 -4.67 13.61
N ASP B 32 17.65 -4.34 12.35
CA ASP B 32 17.67 -5.32 11.27
C ASP B 32 19.04 -5.95 11.09
N VAL B 33 20.07 -5.11 11.05
CA VAL B 33 21.44 -5.59 10.87
C VAL B 33 21.85 -6.47 12.05
N GLN B 34 21.35 -6.15 13.23
CA GLN B 34 21.76 -6.84 14.45
C GLN B 34 21.01 -8.18 14.55
N THR B 35 19.82 -8.21 13.96
CA THR B 35 19.08 -9.44 13.80
C THR B 35 19.85 -10.35 12.86
N LEU B 36 20.30 -9.78 11.75
CA LEU B 36 21.00 -10.55 10.73
C LEU B 36 22.32 -11.10 11.27
N SER B 37 23.07 -10.27 11.99
CA SER B 37 24.34 -10.70 12.57
C SER B 37 24.11 -11.78 13.63
N SER B 38 23.06 -11.60 14.43
CA SER B 38 22.74 -12.61 15.44
C SER B 38 22.39 -13.94 14.77
N ALA B 39 21.71 -13.86 13.63
CA ALA B 39 21.36 -15.04 12.86
C ALA B 39 22.61 -15.68 12.30
N PHE B 40 23.51 -14.84 11.81
CA PHE B 40 24.78 -15.27 11.25
C PHE B 40 25.55 -16.09 12.24
N GLU B 41 25.71 -15.57 13.45
CA GLU B 41 26.56 -16.25 14.42
C GLU B 41 25.82 -17.45 15.01
N ALA B 42 24.49 -17.37 15.07
CA ALA B 42 23.69 -18.50 15.52
C ALA B 42 23.85 -19.72 14.59
N VAL B 43 23.85 -19.47 13.28
CA VAL B 43 24.02 -20.52 12.29
C VAL B 43 25.47 -20.96 12.21
N THR B 44 26.36 -19.97 12.26
CA THR B 44 27.79 -20.20 12.15
C THR B 44 28.29 -21.12 13.25
N ARG B 45 27.85 -20.85 14.48
CA ARG B 45 28.24 -21.68 15.62
C ARG B 45 27.90 -23.15 15.38
N ILE B 46 26.71 -23.42 14.87
CA ILE B 46 26.21 -24.78 14.74
C ILE B 46 26.80 -25.52 13.53
N HIS B 47 26.85 -24.84 12.39
CA HIS B 47 27.18 -25.53 11.13
C HIS B 47 28.46 -25.03 10.44
N PHE B 48 28.95 -23.86 10.81
CA PHE B 48 30.20 -23.35 10.23
C PHE B 48 31.19 -22.90 11.30
N PRO B 49 31.63 -23.82 12.18
CA PRO B 49 32.44 -23.42 13.33
C PRO B 49 33.83 -22.91 12.95
N GLU B 50 34.33 -23.32 11.80
CA GLU B 50 35.61 -22.81 11.30
C GLU B 50 35.55 -21.27 11.20
N ALA B 51 34.38 -20.73 10.85
CA ALA B 51 34.24 -19.28 10.65
C ALA B 51 33.70 -18.41 11.79
N LEU B 52 33.40 -19.02 12.93
CA LEU B 52 32.85 -18.30 14.10
C LEU B 52 33.59 -17.02 14.47
N GLY B 53 32.91 -15.88 14.36
CA GLY B 53 33.54 -14.63 14.71
C GLY B 53 34.50 -14.16 13.63
N HIS B 54 34.39 -14.78 12.47
CA HIS B 54 35.23 -14.48 11.33
C HIS B 54 34.44 -13.67 10.26
N VAL B 55 33.27 -13.17 10.64
CA VAL B 55 32.39 -12.39 9.73
C VAL B 55 31.87 -11.09 10.37
N ALA B 56 31.91 -9.99 9.61
CA ALA B 56 31.42 -8.70 10.12
C ALA B 56 30.33 -8.10 9.23
N LEU B 57 29.34 -7.47 9.87
CA LEU B 57 28.21 -6.84 9.19
C LEU B 57 28.08 -5.38 9.59
N ARG B 58 27.99 -4.48 8.61
CA ARG B 58 27.91 -3.06 8.90
C ARG B 58 26.78 -2.35 8.15
N LEU B 59 26.03 -1.53 8.87
CA LEU B 59 24.91 -0.79 8.29
C LEU B 59 25.35 0.30 7.33
N VAL B 60 24.66 0.38 6.19
CA VAL B 60 24.78 1.53 5.29
C VAL B 60 23.38 2.06 5.00
N PRO B 61 22.95 3.08 5.75
CA PRO B 61 21.58 3.61 5.60
C PRO B 61 21.36 4.30 4.26
N CYS B 62 20.47 3.74 3.45
CA CYS B 62 20.22 4.26 2.11
C CYS B 62 18.85 4.94 2.06
N PRO B 63 18.66 5.88 1.11
CA PRO B 63 17.41 6.62 1.06
C PRO B 63 16.21 5.78 0.61
N PRO B 64 15.02 6.09 1.14
CA PRO B 64 13.76 5.51 0.68
C PRO B 64 13.29 6.15 -0.62
N ILE B 65 13.94 5.78 -1.73
CA ILE B 65 13.72 6.44 -3.00
C ILE B 65 12.30 6.28 -3.54
N CYS B 66 11.55 5.32 -3.00
CA CYS B 66 10.20 5.06 -3.48
C CYS B 66 9.12 5.84 -2.72
N ALA B 67 9.54 6.62 -1.72
CA ALA B 67 8.61 7.34 -0.86
C ALA B 67 7.72 8.30 -1.66
N ALA B 68 8.34 9.13 -2.48
CA ALA B 68 7.62 10.11 -3.30
C ALA B 68 6.65 9.41 -4.24
N ALA B 69 7.10 8.32 -4.84
CA ALA B 69 6.25 7.54 -5.75
C ALA B 69 5.04 7.00 -5.01
N TYR B 70 5.25 6.50 -3.80
CA TYR B 70 4.17 5.98 -2.96
C TYR B 70 3.16 7.09 -2.66
N ALA B 71 3.67 8.26 -2.29
CA ALA B 71 2.79 9.40 -1.99
C ALA B 71 1.95 9.79 -3.21
N LEU B 72 2.63 9.94 -4.34
CA LEU B 72 1.96 10.33 -5.59
C LEU B 72 0.86 9.35 -5.93
N VAL B 73 1.21 8.07 -5.92
CA VAL B 73 0.29 7.01 -6.29
C VAL B 73 -0.89 6.91 -5.32
N SER B 74 -0.62 7.19 -4.04
CA SER B 74 -1.68 7.26 -3.04
C SER B 74 -2.63 8.41 -3.36
N ASN B 75 -2.07 9.54 -3.77
CA ASN B 75 -2.86 10.71 -4.13
C ASN B 75 -3.72 10.49 -5.37
N LEU B 76 -3.36 9.48 -6.17
CA LEU B 76 -4.10 9.19 -7.40
C LEU B 76 -5.15 8.10 -7.19
N SER B 77 -5.20 7.55 -5.98
CA SER B 77 -6.17 6.52 -5.64
C SER B 77 -7.60 7.06 -5.67
N PRO B 78 -8.55 6.22 -6.11
CA PRO B 78 -9.97 6.57 -6.05
C PRO B 78 -10.48 6.87 -4.64
N TYR B 79 -9.75 6.41 -3.61
CA TYR B 79 -10.11 6.74 -2.23
C TYR B 79 -9.12 7.73 -1.57
N SER B 80 -8.45 8.53 -2.37
CA SER B 80 -7.44 9.46 -1.86
C SER B 80 -7.96 10.42 -0.80
N HIS B 81 -9.21 10.84 -0.95
CA HIS B 81 -9.84 11.77 -0.02
C HIS B 81 -10.13 11.12 1.34
N ASP B 82 -10.21 9.79 1.34
CA ASP B 82 -10.61 9.05 2.54
C ASP B 82 -9.49 8.90 3.55
N GLY B 83 -9.77 9.30 4.79
CA GLY B 83 -8.77 9.31 5.84
C GLY B 83 -8.56 8.04 6.65
N ASP B 84 -9.50 7.10 6.60
CA ASP B 84 -9.39 5.90 7.41
C ASP B 84 -8.35 4.92 6.86
N SER B 85 -7.31 4.66 7.65
CA SER B 85 -6.23 3.77 7.24
C SER B 85 -6.70 2.31 7.13
N LEU B 86 -7.53 1.90 8.08
CA LEU B 86 -8.28 0.64 7.96
C LEU B 86 -8.95 0.53 6.59
N SER B 87 -9.59 1.60 6.16
CA SER B 87 -10.35 1.58 4.93
C SER B 87 -9.40 1.47 3.72
N ARG B 88 -8.22 2.07 3.83
CA ARG B 88 -7.28 2.06 2.71
C ARG B 88 -6.45 0.79 2.73
N SER B 89 -6.61 -0.01 3.77
CA SER B 89 -5.85 -1.24 3.89
C SER B 89 -6.27 -2.26 2.83
N GLN B 90 -7.45 -2.05 2.27
CA GLN B 90 -8.00 -2.97 1.28
C GLN B 90 -7.58 -2.62 -0.15
N ASP B 91 -7.30 -1.34 -0.39
CA ASP B 91 -7.01 -0.81 -1.73
C ASP B 91 -5.81 -1.37 -2.50
N HIS B 92 -5.98 -1.50 -3.82
CA HIS B 92 -4.91 -2.03 -4.67
C HIS B 92 -3.74 -1.07 -4.77
N ILE B 93 -2.65 -1.38 -4.07
CA ILE B 93 -1.44 -0.60 -4.23
C ILE B 93 -0.68 -1.08 -5.46
N PRO B 94 -0.41 -0.16 -6.40
CA PRO B 94 0.40 -0.50 -7.57
C PRO B 94 1.88 -0.63 -7.24
N LEU B 95 2.25 -1.71 -6.55
CA LEU B 95 3.62 -1.91 -6.08
C LEU B 95 4.67 -1.84 -7.19
N ALA B 96 4.32 -2.37 -8.36
CA ALA B 96 5.26 -2.47 -9.47
C ALA B 96 5.67 -1.11 -10.03
N ALA B 97 4.77 -0.15 -9.93
CA ALA B 97 5.01 1.18 -10.49
C ALA B 97 6.01 1.98 -9.66
N LEU B 98 6.11 1.66 -8.37
CA LEU B 98 6.95 2.42 -7.45
C LEU B 98 8.44 2.45 -7.82
N PRO B 99 9.06 1.29 -8.10
CA PRO B 99 10.48 1.39 -8.48
C PRO B 99 10.66 2.11 -9.81
N LEU B 100 9.68 2.00 -10.70
CA LEU B 100 9.77 2.63 -12.01
C LEU B 100 9.76 4.16 -11.86
N LEU B 101 8.79 4.66 -11.09
CA LEU B 101 8.70 6.10 -10.83
C LEU B 101 9.94 6.59 -10.10
N ALA B 102 10.36 5.83 -9.09
CA ALA B 102 11.49 6.23 -8.26
C ALA B 102 12.79 6.31 -9.06
N THR B 103 13.04 5.32 -9.91
CA THR B 103 14.27 5.30 -10.71
C THR B 103 14.13 6.10 -11.99
N SER B 104 12.95 6.64 -12.25
CA SER B 104 12.78 7.55 -13.38
C SER B 104 12.86 9.00 -12.93
N SER B 105 13.02 9.20 -11.63
CA SER B 105 13.13 10.54 -11.06
C SER B 105 14.47 11.18 -11.40
N SER B 106 14.46 12.48 -11.63
CA SER B 106 15.68 13.24 -11.89
C SER B 106 16.56 13.31 -10.65
N ARG B 107 15.96 13.00 -9.50
CA ARG B 107 16.65 13.06 -8.22
C ARG B 107 17.31 11.71 -7.88
N TYR B 108 17.11 10.72 -8.75
CA TYR B 108 17.62 9.38 -8.50
C TYR B 108 19.15 9.24 -8.55
N GLN B 109 19.77 9.77 -9.61
CA GLN B 109 21.24 9.74 -9.73
C GLN B 109 21.88 10.29 -8.46
N GLY B 110 21.31 11.37 -7.94
CA GLY B 110 21.73 11.94 -6.68
C GLY B 110 21.70 10.91 -5.55
N ALA B 111 20.66 10.08 -5.54
CA ALA B 111 20.52 9.04 -4.52
C ALA B 111 21.61 7.99 -4.67
N VAL B 112 21.92 7.61 -5.91
CA VAL B 112 23.01 6.67 -6.16
C VAL B 112 24.36 7.22 -5.67
N ALA B 113 24.64 8.47 -6.03
CA ALA B 113 25.86 9.14 -5.58
C ALA B 113 25.94 9.14 -4.05
N THR B 114 24.82 9.48 -3.42
CA THR B 114 24.71 9.47 -1.97
C THR B 114 25.08 8.09 -1.40
N VAL B 115 24.51 7.05 -1.99
CA VAL B 115 24.75 5.68 -1.57
C VAL B 115 26.24 5.33 -1.66
N ILE B 116 26.85 5.67 -2.79
CA ILE B 116 28.29 5.43 -2.98
C ILE B 116 29.07 6.12 -1.87
N ALA B 117 28.68 7.35 -1.56
CA ALA B 117 29.34 8.13 -0.52
C ALA B 117 29.27 7.45 0.84
N ARG B 118 28.08 6.98 1.24
CA ARG B 118 27.95 6.42 2.58
C ARG B 118 28.48 4.99 2.67
N THR B 119 28.61 4.34 1.51
CA THR B 119 29.24 3.03 1.46
C THR B 119 30.72 3.20 1.70
N ASN B 120 31.30 4.20 1.04
CA ASN B 120 32.69 4.54 1.26
C ASN B 120 32.94 4.96 2.70
N GLN B 121 32.03 5.75 3.26
CA GLN B 121 32.17 6.19 4.64
C GLN B 121 32.12 5.03 5.65
N ALA B 122 31.20 4.09 5.45
CA ALA B 122 31.09 2.95 6.35
C ALA B 122 32.31 2.06 6.21
N TYR B 123 32.80 1.95 4.98
CA TYR B 123 33.96 1.12 4.70
C TYR B 123 35.21 1.71 5.33
N SER B 124 35.28 3.04 5.38
CA SER B 124 36.41 3.71 5.98
C SER B 124 36.17 3.99 7.46
N ALA B 125 35.02 3.57 7.95
CA ALA B 125 34.74 3.60 9.38
C ALA B 125 35.08 2.26 10.00
N PHE B 126 34.93 1.21 9.21
CA PHE B 126 35.27 -0.14 9.67
C PHE B 126 36.77 -0.35 9.77
N LEU B 127 37.52 0.16 8.79
CA LEU B 127 38.96 0.01 8.75
C LEU B 127 39.59 0.70 9.96
N ARG B 128 39.12 1.88 10.28
CA ARG B 128 39.67 2.64 11.40
C ARG B 128 39.04 2.21 12.72
N SER B 129 38.19 1.19 12.68
CA SER B 129 37.71 0.59 13.92
C SER B 129 38.68 -0.48 14.40
N PRO B 130 38.66 -0.78 15.71
CA PRO B 130 39.53 -1.81 16.31
C PRO B 130 39.32 -3.21 15.74
N GLU B 131 38.07 -3.59 15.51
CA GLU B 131 37.75 -4.89 14.95
C GLU B 131 38.23 -5.06 13.52
N GLY B 132 38.25 -3.97 12.76
CA GLY B 132 38.66 -4.02 11.37
C GLY B 132 40.09 -3.59 11.13
N ALA B 133 40.82 -3.34 12.21
CA ALA B 133 42.25 -3.04 12.13
C ALA B 133 43.04 -4.24 11.63
N GLY B 134 43.70 -4.09 10.47
CA GLY B 134 44.47 -5.17 9.89
C GLY B 134 43.67 -6.10 9.01
N PHE B 135 42.55 -5.59 8.50
CA PHE B 135 41.61 -6.37 7.70
C PHE B 135 42.07 -6.49 6.25
N CYS B 136 42.12 -7.72 5.72
CA CYS B 136 42.52 -7.93 4.33
C CYS B 136 41.53 -8.77 3.49
N GLY B 137 40.42 -9.15 4.10
CA GLY B 137 39.44 -10.03 3.46
C GLY B 137 38.57 -9.49 2.33
N GLN B 138 37.78 -10.39 1.75
CA GLN B 138 36.78 -10.06 0.76
C GLN B 138 35.68 -9.13 1.28
N VAL B 139 35.09 -8.35 0.38
CA VAL B 139 33.99 -7.46 0.75
C VAL B 139 32.74 -7.81 -0.07
N ALA B 140 31.60 -7.89 0.61
CA ALA B 140 30.35 -8.19 -0.06
C ALA B 140 29.32 -7.11 0.20
N LEU B 141 28.39 -6.94 -0.73
CA LEU B 141 27.30 -6.00 -0.57
C LEU B 141 26.01 -6.77 -0.38
N ILE B 142 25.19 -6.36 0.58
CA ILE B 142 23.84 -6.87 0.69
C ILE B 142 22.84 -5.73 0.64
N GLY B 143 21.88 -5.83 -0.27
CA GLY B 143 20.85 -4.82 -0.37
C GLY B 143 19.47 -5.41 -0.18
N ASP B 144 18.60 -4.72 0.53
CA ASP B 144 17.21 -5.13 0.61
C ASP B 144 16.52 -4.72 -0.69
N GLY B 145 15.21 -4.97 -0.78
CA GLY B 145 14.47 -4.79 -2.01
C GLY B 145 14.77 -3.49 -2.76
N VAL B 146 14.71 -2.38 -2.05
CA VAL B 146 14.99 -1.08 -2.66
C VAL B 146 16.49 -0.79 -2.71
N GLY B 147 17.18 -1.07 -1.61
CA GLY B 147 18.61 -0.85 -1.51
C GLY B 147 19.41 -1.53 -2.61
N GLY B 148 18.95 -2.71 -3.00
CA GLY B 148 19.58 -3.48 -4.07
C GLY B 148 19.69 -2.75 -5.39
N ILE B 149 18.67 -1.97 -5.73
CA ILE B 149 18.67 -1.23 -6.99
C ILE B 149 19.77 -0.18 -6.97
N LEU B 150 19.80 0.58 -5.88
CA LEU B 150 20.81 1.60 -5.67
C LEU B 150 22.20 0.98 -5.71
N GLY B 151 22.37 -0.15 -5.06
CA GLY B 151 23.63 -0.86 -5.05
C GLY B 151 24.09 -1.27 -6.44
N PHE B 152 23.18 -1.86 -7.21
CA PHE B 152 23.49 -2.28 -8.57
C PHE B 152 23.96 -1.08 -9.41
N ASP B 153 23.18 -0.01 -9.37
CA ASP B 153 23.48 1.18 -10.15
C ASP B 153 24.80 1.82 -9.71
N ALA B 154 25.12 1.67 -8.42
CA ALA B 154 26.39 2.14 -7.89
C ALA B 154 27.54 1.30 -8.43
N LEU B 155 27.28 0.00 -8.59
CA LEU B 155 28.29 -0.92 -9.11
C LEU B 155 28.56 -0.76 -10.61
N CYS B 156 27.57 -0.28 -11.35
CA CYS B 156 27.77 -0.02 -12.78
C CYS B 156 28.58 1.24 -13.15
N HIS B 157 28.62 2.21 -12.24
CA HIS B 157 29.21 3.52 -12.52
C HIS B 157 30.73 3.47 -12.75
N SER B 158 31.21 4.42 -13.56
CA SER B 158 32.60 4.54 -14.01
C SER B 158 33.64 5.03 -12.98
N ALA B 159 34.92 4.81 -13.30
CA ALA B 159 36.04 5.07 -12.38
C ALA B 159 35.82 6.31 -11.52
N ARG B 163 32.10 5.74 -7.71
CA ARG B 163 33.46 5.78 -7.20
C ARG B 163 33.58 4.95 -5.92
N LEU B 164 33.61 3.62 -6.04
CA LEU B 164 33.75 2.82 -4.83
C LEU B 164 35.23 2.64 -4.47
N ASP B 165 35.55 2.90 -3.21
CA ASP B 165 36.92 2.82 -2.73
C ASP B 165 37.52 1.41 -2.75
N PHE B 166 36.68 0.41 -2.96
CA PHE B 166 37.08 -0.98 -2.76
C PHE B 166 36.52 -1.83 -3.89
N LYS B 167 37.00 -3.06 -3.99
CA LYS B 167 36.49 -3.97 -4.99
C LYS B 167 35.49 -4.89 -4.32
N VAL B 168 34.30 -5.01 -4.90
CA VAL B 168 33.25 -5.75 -4.24
C VAL B 168 33.39 -7.22 -4.69
N SER B 169 33.31 -8.20 -3.79
CA SER B 169 33.42 -9.62 -4.19
C SER B 169 32.09 -10.27 -4.69
N GLY B 170 31.08 -10.39 -3.82
CA GLY B 170 29.76 -10.84 -4.24
C GLY B 170 28.62 -9.98 -3.70
N PHE B 171 27.59 -9.80 -4.53
CA PHE B 171 26.46 -8.92 -4.25
C PHE B 171 25.20 -9.75 -4.04
N PHE B 172 24.47 -9.46 -2.98
CA PHE B 172 23.23 -10.18 -2.68
C PHE B 172 22.03 -9.24 -2.61
N LEU B 173 20.99 -9.58 -3.36
CA LEU B 173 19.76 -8.80 -3.36
C LEU B 173 18.64 -9.57 -2.67
N PHE B 174 17.97 -8.91 -1.73
CA PHE B 174 16.89 -9.51 -0.97
C PHE B 174 15.51 -9.07 -1.47
N GLY B 175 14.88 -9.91 -2.28
CA GLY B 175 13.53 -9.65 -2.78
C GLY B 175 13.41 -8.33 -3.52
N SER B 176 14.37 -8.07 -4.40
CA SER B 176 14.46 -6.79 -5.11
C SER B 176 13.76 -6.79 -6.47
N PRO B 177 12.97 -5.74 -6.74
CA PRO B 177 12.29 -5.57 -8.03
C PRO B 177 13.20 -5.00 -9.11
N LEU B 178 14.52 -5.15 -8.91
CA LEU B 178 15.52 -4.65 -9.84
C LEU B 178 15.24 -5.06 -11.28
N GLY B 179 14.86 -6.31 -11.47
CA GLY B 179 14.56 -6.85 -12.78
C GLY B 179 13.54 -6.03 -13.54
N LEU B 180 12.59 -5.47 -12.79
CA LEU B 180 11.58 -4.63 -13.40
C LEU B 180 12.21 -3.33 -13.87
N VAL B 181 13.00 -2.71 -12.99
CA VAL B 181 13.69 -1.46 -13.32
C VAL B 181 14.48 -1.60 -14.60
N LEU B 182 15.31 -2.64 -14.65
CA LEU B 182 16.14 -2.88 -15.82
C LEU B 182 15.27 -3.03 -17.05
N ALA B 183 14.15 -3.74 -16.90
CA ALA B 183 13.25 -3.96 -18.02
C ALA B 183 12.83 -2.62 -18.60
N LEU B 184 12.49 -1.68 -17.71
CA LEU B 184 12.04 -0.37 -18.12
C LEU B 184 13.13 0.28 -18.95
N ARG B 185 14.36 0.24 -18.44
CA ARG B 185 15.49 0.84 -19.15
C ARG B 185 15.60 0.24 -20.54
N LYS B 186 15.49 -1.08 -20.61
CA LYS B 186 15.66 -1.81 -21.86
C LYS B 186 14.61 -1.38 -22.86
N THR B 187 13.47 -0.94 -22.35
CA THR B 187 12.37 -0.49 -23.18
C THR B 187 12.59 0.96 -23.65
N VAL B 188 13.18 1.79 -22.78
CA VAL B 188 13.35 3.20 -23.10
C VAL B 188 14.50 3.39 -24.09
N MET B 189 15.57 2.63 -23.87
CA MET B 189 16.76 2.65 -24.69
C MET B 189 17.05 1.20 -25.08
N PRO B 190 16.35 0.75 -26.13
CA PRO B 190 16.28 -0.67 -26.49
C PRO B 190 17.63 -1.23 -26.87
N ALA B 191 18.41 -0.46 -27.61
CA ALA B 191 19.76 -0.88 -27.90
C ALA B 191 20.48 -0.92 -26.56
N LEU B 192 21.21 -2.00 -26.33
CA LEU B 192 22.00 -2.14 -25.09
C LEU B 192 22.69 -3.50 -25.04
N ARG B 198 27.16 -4.09 -16.55
CA ARG B 198 28.22 -4.96 -16.04
C ARG B 198 28.55 -4.63 -14.58
N PRO B 199 27.83 -5.25 -13.66
CA PRO B 199 28.05 -5.03 -12.23
C PRO B 199 29.52 -5.23 -11.84
N ALA B 200 30.08 -4.29 -11.10
CA ALA B 200 31.45 -4.38 -10.66
C ALA B 200 31.49 -5.29 -9.45
N CYS B 201 31.26 -6.58 -9.70
CA CYS B 201 31.30 -7.57 -8.63
C CYS B 201 31.62 -8.93 -9.23
N GLU B 202 32.11 -9.88 -8.44
CA GLU B 202 32.45 -11.20 -9.00
C GLU B 202 31.22 -12.09 -9.14
N GLN B 203 30.11 -11.73 -8.49
CA GLN B 203 28.87 -12.50 -8.63
C GLN B 203 27.64 -11.75 -8.10
N ILE B 204 26.50 -11.90 -8.79
CA ILE B 204 25.23 -11.37 -8.33
C ILE B 204 24.26 -12.48 -7.94
N TYR B 205 23.68 -12.34 -6.76
CA TYR B 205 22.70 -13.29 -6.23
C TYR B 205 21.33 -12.62 -6.07
N ASN B 206 20.45 -12.87 -7.02
CA ASN B 206 19.09 -12.36 -6.95
C ASN B 206 18.23 -13.30 -6.12
N LEU B 207 18.06 -12.99 -4.83
CA LEU B 207 17.29 -13.86 -3.94
C LEU B 207 15.84 -13.40 -3.81
N PHE B 208 14.90 -14.32 -3.99
CA PHE B 208 13.50 -13.95 -3.86
C PHE B 208 12.57 -15.08 -3.42
N HIS B 209 11.48 -14.70 -2.75
CA HIS B 209 10.36 -15.59 -2.54
C HIS B 209 9.43 -15.44 -3.73
N ALA B 210 8.96 -16.56 -4.27
CA ALA B 210 8.11 -16.53 -5.45
C ALA B 210 6.82 -15.74 -5.18
N ALA B 211 6.32 -15.84 -3.95
CA ALA B 211 5.08 -15.17 -3.58
C ALA B 211 5.24 -13.66 -3.36
N ASP B 212 6.48 -13.18 -3.38
CA ASP B 212 6.75 -11.76 -3.21
C ASP B 212 6.35 -10.99 -4.47
N PRO B 213 5.47 -9.99 -4.33
CA PRO B 213 5.04 -9.18 -5.47
C PRO B 213 6.18 -8.35 -6.07
N CYS B 214 7.25 -8.16 -5.31
CA CYS B 214 8.41 -7.42 -5.79
C CYS B 214 9.46 -8.32 -6.45
N ALA B 215 9.22 -9.63 -6.44
CA ALA B 215 10.17 -10.58 -7.01
C ALA B 215 10.32 -10.45 -8.52
N SER B 216 11.57 -10.37 -8.98
CA SER B 216 11.85 -10.34 -10.41
C SER B 216 13.11 -11.11 -10.76
N ARG B 217 13.01 -11.95 -11.78
CA ARG B 217 14.17 -12.69 -12.25
C ARG B 217 15.10 -11.72 -12.97
N LEU B 218 16.39 -12.02 -12.99
CA LEU B 218 17.34 -11.20 -13.73
C LEU B 218 17.86 -11.94 -14.96
N GLU B 219 17.96 -13.27 -14.84
CA GLU B 219 18.58 -14.10 -15.86
C GLU B 219 17.99 -13.96 -17.28
N PRO B 220 16.66 -13.96 -17.43
CA PRO B 220 16.13 -13.82 -18.80
C PRO B 220 16.49 -12.50 -19.48
N LEU B 221 16.99 -11.53 -18.72
CA LEU B 221 17.40 -10.26 -19.28
C LEU B 221 18.78 -10.40 -19.94
N LEU B 222 19.54 -11.40 -19.50
CA LEU B 222 20.88 -11.63 -20.05
C LEU B 222 20.80 -12.60 -21.21
N ALA B 223 20.02 -13.67 -20.99
CA ALA B 223 19.74 -14.66 -22.01
C ALA B 223 18.27 -15.03 -21.93
N PRO B 224 17.49 -14.58 -22.92
CA PRO B 224 16.03 -14.71 -22.94
C PRO B 224 15.56 -16.15 -22.79
N LYS B 225 16.40 -17.10 -23.18
CA LYS B 225 15.99 -18.50 -23.22
C LYS B 225 15.95 -19.05 -21.80
N PHE B 226 16.48 -18.28 -20.88
CA PHE B 226 16.46 -18.64 -19.47
C PHE B 226 15.08 -18.44 -18.86
N GLN B 227 14.18 -17.80 -19.62
CA GLN B 227 12.77 -17.85 -19.28
C GLN B 227 12.35 -19.30 -19.07
N ALA B 228 12.89 -20.21 -19.88
CA ALA B 228 12.43 -21.60 -19.87
C ALA B 228 13.14 -22.44 -18.80
N ILE B 229 14.10 -21.84 -18.12
CA ILE B 229 14.83 -22.52 -17.05
C ILE B 229 14.43 -22.00 -15.67
N ALA B 230 14.01 -22.91 -14.80
CA ALA B 230 13.60 -22.53 -13.45
C ALA B 230 14.77 -21.89 -12.70
N PRO B 231 14.47 -20.92 -11.83
CA PRO B 231 15.51 -20.41 -10.93
C PRO B 231 16.05 -21.52 -10.05
N LEU B 232 17.31 -21.44 -9.66
CA LEU B 232 17.85 -22.40 -8.70
C LEU B 232 17.08 -22.29 -7.38
N THR B 233 16.97 -23.41 -6.69
CA THR B 233 16.29 -23.46 -5.41
C THR B 233 17.26 -23.22 -4.27
N VAL B 234 16.87 -22.40 -3.31
CA VAL B 234 17.62 -22.31 -2.07
C VAL B 234 17.09 -23.38 -1.13
N PRO B 235 17.96 -24.33 -0.75
CA PRO B 235 17.57 -25.47 0.10
C PRO B 235 17.08 -25.01 1.46
N ARG B 236 16.24 -25.81 2.11
CA ARG B 236 15.82 -25.45 3.46
C ARG B 236 16.91 -25.82 4.46
N TYR B 237 17.13 -24.91 5.39
CA TYR B 237 18.18 -25.01 6.38
C TYR B 237 18.07 -26.26 7.25
N GLN B 238 16.84 -26.72 7.48
CA GLN B 238 16.66 -27.92 8.32
C GLN B 238 17.17 -29.22 7.75
N LYS B 239 17.13 -29.38 6.43
CA LYS B 239 17.52 -30.65 5.84
C LYS B 239 18.86 -30.58 5.12
N PHE B 240 19.18 -29.41 4.56
CA PHE B 240 20.46 -29.27 3.87
C PHE B 240 21.19 -27.98 4.26
N PRO B 241 21.73 -27.93 5.50
CA PRO B 241 22.44 -26.75 5.99
C PRO B 241 23.73 -26.45 5.22
N LEU B 242 24.37 -27.48 4.68
CA LEU B 242 25.63 -27.33 3.95
C LEU B 242 25.44 -27.56 2.45
N GLY B 243 24.21 -27.36 2.00
CA GLY B 243 23.84 -27.58 0.61
C GLY B 243 23.33 -28.98 0.34
N ASP B 244 22.69 -29.16 -0.81
CA ASP B 244 22.11 -30.44 -1.20
C ASP B 244 22.93 -31.17 -2.24
N GLY B 245 24.15 -30.69 -2.47
CA GLY B 245 25.06 -31.35 -3.39
C GLY B 245 24.80 -31.01 -4.85
N SER B 246 23.80 -30.16 -5.09
CA SER B 246 23.56 -29.68 -6.45
C SER B 246 24.54 -28.55 -6.78
N SER B 247 24.78 -28.33 -8.07
CA SER B 247 25.74 -27.32 -8.49
C SER B 247 25.09 -25.94 -8.68
N LEU B 248 25.84 -24.89 -8.41
CA LEU B 248 25.36 -23.51 -8.59
C LEU B 248 25.96 -22.87 -9.82
N LEU B 249 26.88 -23.58 -10.47
CA LEU B 249 27.63 -23.02 -11.58
C LEU B 249 26.77 -22.93 -12.84
N LEU B 250 26.95 -21.83 -13.58
CA LEU B 250 26.21 -21.60 -14.80
C LEU B 250 26.48 -22.67 -15.85
N ALA B 251 27.74 -23.08 -15.96
CA ALA B 251 28.15 -24.06 -16.97
C ALA B 251 27.35 -25.37 -16.88
N ASP B 252 27.11 -25.84 -15.66
CA ASP B 252 26.41 -27.10 -15.46
C ASP B 252 24.92 -26.97 -15.81
N THR B 253 24.37 -25.77 -15.57
CA THR B 253 22.99 -25.50 -15.93
C THR B 253 22.86 -25.41 -17.45
N LEU B 254 23.87 -24.81 -18.08
CA LEU B 254 23.90 -24.68 -19.52
C LEU B 254 23.97 -26.05 -20.18
N GLN B 255 24.72 -26.97 -19.57
CA GLN B 255 24.90 -28.30 -20.14
C GLN B 255 23.69 -29.22 -19.87
N THR B 256 23.01 -29.04 -18.73
CA THR B 256 21.78 -29.81 -18.52
C THR B 256 20.76 -29.39 -19.58
N HIS B 257 20.69 -28.09 -19.82
CA HIS B 257 19.87 -27.55 -20.89
C HIS B 257 20.82 -27.32 -22.07
N SER B 258 21.20 -28.45 -22.68
CA SER B 258 22.06 -28.50 -23.85
C SER B 258 21.33 -28.03 -25.10
N SER B 259 20.00 -28.00 -25.04
CA SER B 259 19.22 -27.59 -26.19
C SER B 259 19.21 -26.07 -26.25
N LEU B 260 20.42 -25.53 -26.42
CA LEU B 260 20.63 -24.09 -26.59
C LEU B 260 19.50 -23.26 -26.00
N GLU B 302 26.96 -19.37 -29.33
CA GLU B 302 26.19 -20.54 -28.91
C GLU B 302 25.99 -20.58 -27.40
N VAL B 303 26.75 -21.44 -26.73
CA VAL B 303 26.69 -21.51 -25.28
C VAL B 303 27.78 -20.61 -24.71
N VAL B 304 28.95 -20.66 -25.35
CA VAL B 304 30.08 -19.83 -24.96
C VAL B 304 29.68 -18.36 -25.08
N LYS B 305 28.74 -18.09 -25.99
CA LYS B 305 28.17 -16.74 -26.21
C LYS B 305 27.36 -16.25 -24.98
N ILE B 306 27.15 -17.12 -24.01
CA ILE B 306 26.47 -16.75 -22.77
C ILE B 306 27.41 -16.60 -21.55
N LEU B 307 28.53 -17.32 -21.53
CA LEU B 307 29.50 -17.24 -20.42
C LEU B 307 30.16 -15.85 -20.14
N GLU B 308 30.58 -15.15 -21.20
CA GLU B 308 31.05 -13.74 -21.20
C GLU B 308 30.08 -12.66 -20.60
N ARG B 309 28.80 -12.59 -21.00
CA ARG B 309 27.87 -11.53 -20.53
C ARG B 309 27.54 -11.75 -19.06
N TRP B 310 27.67 -13.00 -18.61
CA TRP B 310 27.03 -13.41 -17.38
C TRP B 310 27.65 -12.72 -16.20
N TRP B 311 26.80 -12.39 -15.23
CA TRP B 311 27.27 -11.72 -14.02
C TRP B 311 27.78 -12.75 -13.03
N GLY B 312 29.01 -13.20 -13.27
CA GLY B 312 29.65 -14.21 -12.43
C GLY B 312 29.65 -15.57 -13.09
N THR B 313 30.17 -16.57 -12.39
CA THR B 313 30.26 -17.92 -12.95
C THR B 313 29.08 -18.76 -12.48
N LYS B 314 28.40 -18.30 -11.44
CA LYS B 314 27.26 -19.01 -10.89
C LYS B 314 25.94 -18.47 -11.44
N ARG B 315 24.85 -19.18 -11.17
CA ARG B 315 23.52 -18.72 -11.56
C ARG B 315 23.17 -17.46 -10.78
N ILE B 316 22.13 -16.75 -11.20
CA ILE B 316 21.80 -15.47 -10.59
C ILE B 316 20.46 -15.49 -9.85
N ASP B 317 19.48 -16.21 -10.39
CA ASP B 317 18.15 -16.24 -9.79
C ASP B 317 18.00 -17.38 -8.79
N TYR B 318 17.71 -17.02 -7.54
CA TYR B 318 17.61 -18.00 -6.47
C TYR B 318 16.26 -17.90 -5.77
N SER B 319 15.55 -19.02 -5.73
CA SER B 319 14.20 -19.10 -5.19
C SER B 319 14.18 -19.65 -3.77
N LEU B 320 13.81 -18.79 -2.83
CA LEU B 320 13.68 -19.17 -1.42
C LEU B 320 12.34 -19.85 -1.16
N TYR B 321 12.34 -20.80 -0.22
CA TYR B 321 11.10 -21.48 0.14
C TYR B 321 10.10 -20.50 0.74
N CYS B 322 8.83 -20.69 0.38
CA CYS B 322 7.75 -19.84 0.84
C CYS B 322 6.42 -20.57 0.72
N PRO B 323 5.58 -20.52 1.78
CA PRO B 323 4.23 -21.09 1.75
C PRO B 323 3.43 -20.44 0.62
N GLU B 324 2.52 -21.19 0.00
CA GLU B 324 1.76 -20.64 -1.12
C GLU B 324 0.69 -19.67 -0.65
N ALA B 325 0.28 -19.85 0.60
CA ALA B 325 -0.70 -19.00 1.26
C ALA B 325 -0.39 -17.51 1.17
N LEU B 326 0.88 -17.15 1.21
CA LEU B 326 1.26 -15.74 1.22
C LEU B 326 0.85 -15.02 -0.05
N THR B 327 0.55 -15.76 -1.12
CA THR B 327 0.12 -15.13 -2.35
C THR B 327 -1.27 -14.51 -2.18
N ALA B 328 -2.06 -15.09 -1.26
CA ALA B 328 -3.43 -14.67 -1.05
C ALA B 328 -3.58 -13.55 0.00
N PHE B 329 -2.45 -13.01 0.46
CA PHE B 329 -2.49 -11.95 1.47
C PHE B 329 -2.86 -10.61 0.85
N PRO B 330 -3.49 -9.74 1.64
CA PRO B 330 -3.78 -8.35 1.25
C PRO B 330 -2.49 -7.65 0.83
N THR B 331 -2.52 -6.93 -0.28
CA THR B 331 -1.30 -6.32 -0.83
C THR B 331 -0.52 -5.48 0.19
N VAL B 332 -1.24 -4.66 0.95
CA VAL B 332 -0.62 -3.69 1.86
C VAL B 332 0.24 -4.38 2.93
N THR B 333 -0.01 -5.66 3.13
CA THR B 333 0.65 -6.38 4.21
C THR B 333 1.91 -7.11 3.76
N LEU B 334 2.11 -7.25 2.45
CA LEU B 334 3.20 -8.11 1.99
C LEU B 334 4.63 -7.53 2.08
N PRO B 335 4.83 -6.25 1.71
CA PRO B 335 6.21 -5.73 1.77
C PRO B 335 6.90 -5.81 3.14
N HIS B 336 6.17 -5.63 4.24
CA HIS B 336 6.79 -5.73 5.56
C HIS B 336 7.25 -7.16 5.79
N LEU B 337 6.29 -8.08 5.74
CA LEU B 337 6.61 -9.52 5.95
C LEU B 337 7.88 -9.87 5.17
N PHE B 338 7.89 -9.64 3.85
CA PHE B 338 9.06 -10.10 3.11
C PHE B 338 10.31 -9.35 3.54
N HIS B 339 10.23 -8.03 3.70
CA HIS B 339 11.42 -7.26 4.07
C HIS B 339 12.04 -7.75 5.36
N ALA B 340 11.21 -8.03 6.36
CA ALA B 340 11.73 -8.47 7.64
C ALA B 340 12.26 -9.90 7.57
N SER B 341 11.63 -10.74 6.75
CA SER B 341 11.95 -12.16 6.76
C SER B 341 13.41 -12.44 6.48
N TYR B 342 14.02 -11.61 5.66
CA TYR B 342 15.41 -11.84 5.25
C TYR B 342 16.34 -11.76 6.46
N TRP B 343 16.06 -10.83 7.37
CA TRP B 343 16.99 -10.56 8.46
C TRP B 343 17.11 -11.72 9.45
N GLU B 344 16.09 -12.56 9.48
CA GLU B 344 16.07 -13.74 10.35
C GLU B 344 15.92 -15.08 9.61
N SER B 345 16.14 -15.09 8.30
CA SER B 345 15.97 -16.30 7.51
C SER B 345 17.22 -17.16 7.57
N ALA B 346 17.08 -18.36 8.13
CA ALA B 346 18.20 -19.28 8.23
C ALA B 346 18.67 -19.80 6.88
N ASP B 347 17.73 -19.98 5.96
CA ASP B 347 18.03 -20.39 4.59
C ASP B 347 19.02 -19.43 3.94
N VAL B 348 18.72 -18.14 4.07
CA VAL B 348 19.52 -17.09 3.45
C VAL B 348 20.93 -17.00 4.05
N VAL B 349 21.01 -16.95 5.37
CA VAL B 349 22.28 -16.81 6.06
C VAL B 349 23.15 -18.04 5.76
N ALA B 350 22.55 -19.23 5.78
CA ALA B 350 23.26 -20.46 5.44
C ALA B 350 23.77 -20.43 4.00
N PHE B 351 22.94 -19.92 3.09
CA PHE B 351 23.31 -19.80 1.68
C PHE B 351 24.56 -18.93 1.53
N ILE B 352 24.51 -17.76 2.16
CA ILE B 352 25.59 -16.79 2.08
C ILE B 352 26.86 -17.38 2.68
N LEU B 353 26.71 -18.02 3.84
CA LEU B 353 27.82 -18.68 4.51
C LEU B 353 28.44 -19.74 3.61
N ARG B 354 27.61 -20.44 2.83
CA ARG B 354 28.14 -21.42 1.89
C ARG B 354 28.87 -20.74 0.73
N GLN B 355 28.51 -19.50 0.42
CA GLN B 355 29.23 -18.79 -0.66
C GLN B 355 30.53 -18.16 -0.18
N VAL B 356 30.63 -17.89 1.12
CA VAL B 356 31.84 -17.25 1.65
C VAL B 356 32.96 -18.25 2.00
N ILE B 357 32.60 -19.45 2.45
CA ILE B 357 33.63 -20.45 2.80
C ILE B 357 34.43 -20.94 1.60
N GLU B 358 33.96 -20.67 0.39
CA GLU B 358 34.79 -20.90 -0.79
C GLU B 358 35.59 -19.64 -1.10
N ALA C 5 -3.37 28.38 30.39
CA ALA C 5 -2.81 27.84 29.15
C ALA C 5 -3.61 26.64 28.68
N VAL C 6 -3.08 25.44 28.95
CA VAL C 6 -3.78 24.22 28.57
C VAL C 6 -4.91 23.94 29.57
N HIS C 7 -6.03 23.46 29.07
CA HIS C 7 -7.19 23.17 29.91
C HIS C 7 -7.45 21.66 30.01
N ALA C 8 -6.79 20.91 29.15
CA ALA C 8 -6.96 19.45 29.12
C ALA C 8 -5.69 18.77 28.63
N LEU C 9 -5.11 17.92 29.48
CA LEU C 9 -3.88 17.20 29.15
C LEU C 9 -4.12 15.71 28.95
N PHE C 10 -3.72 15.19 27.79
CA PHE C 10 -3.82 13.76 27.53
C PHE C 10 -2.48 13.06 27.67
N LEU C 11 -2.42 12.14 28.63
CA LEU C 11 -1.24 11.31 28.81
C LEU C 11 -1.48 9.98 28.13
N ILE C 12 -0.62 9.67 27.16
CA ILE C 12 -0.82 8.51 26.30
C ILE C 12 0.05 7.33 26.71
N LEU C 13 -0.59 6.28 27.24
CA LEU C 13 0.12 5.06 27.62
C LEU C 13 0.33 4.18 26.40
N HIS C 14 1.56 4.18 25.90
CA HIS C 14 1.87 3.55 24.62
C HIS C 14 2.80 2.36 24.84
N SER C 15 2.22 1.16 24.90
CA SER C 15 3.00 -0.05 25.03
C SER C 15 3.40 -0.53 23.66
N GLY C 16 2.66 -0.08 22.66
CA GLY C 16 2.91 -0.48 21.29
C GLY C 16 2.07 -1.67 20.89
N ASN C 17 2.15 -2.00 19.61
CA ASN C 17 1.52 -3.19 19.04
C ASN C 17 1.87 -4.43 19.89
N ILE C 18 0.89 -5.29 20.14
CA ILE C 18 1.08 -6.42 21.07
C ILE C 18 2.08 -7.46 20.53
N LEU C 19 2.47 -7.30 19.29
CA LEU C 19 3.41 -8.19 18.61
C LEU C 19 4.81 -7.57 18.68
N ASP C 20 4.97 -6.60 19.59
CA ASP C 20 6.22 -5.86 19.75
C ASP C 20 7.29 -6.54 20.59
N GLY C 24 13.65 -5.90 21.70
CA GLY C 24 14.10 -4.53 21.71
C GLY C 24 12.94 -3.54 21.86
N ASP C 25 12.99 -2.73 22.91
CA ASP C 25 11.97 -1.72 23.13
C ASP C 25 12.19 -0.57 22.14
N ALA C 26 11.11 -0.19 21.44
CA ALA C 26 11.18 0.83 20.38
C ALA C 26 10.71 2.18 20.95
N ASN C 27 11.12 3.28 20.31
CA ASN C 27 10.67 4.62 20.71
C ASN C 27 9.91 5.47 19.68
N SER C 28 9.81 4.97 18.45
CA SER C 28 9.04 5.71 17.43
C SER C 28 7.61 5.85 17.93
N LYS C 29 7.42 5.94 19.25
CA LYS C 29 6.05 5.97 19.69
C LYS C 29 5.54 7.40 19.59
N GLN C 30 6.41 8.37 19.86
CA GLN C 30 5.99 9.76 19.76
C GLN C 30 5.62 10.06 18.31
N ALA C 31 6.09 9.23 17.39
CA ALA C 31 5.75 9.39 15.98
C ALA C 31 4.25 9.20 15.90
N ASP C 32 3.75 8.21 16.65
CA ASP C 32 2.32 7.95 16.74
C ASP C 32 1.68 9.19 17.35
N VAL C 33 2.28 9.69 18.42
CA VAL C 33 1.71 10.83 19.12
C VAL C 33 1.63 12.06 18.21
N GLN C 34 2.63 12.22 17.33
CA GLN C 34 2.69 13.43 16.51
C GLN C 34 1.65 13.30 15.41
N THR C 35 1.32 12.07 15.06
CA THR C 35 0.18 11.89 14.18
C THR C 35 -1.08 12.26 14.94
N LEU C 36 -1.23 11.71 16.15
CA LEU C 36 -2.49 11.87 16.88
C LEU C 36 -2.76 13.32 17.18
N SER C 37 -1.73 14.02 17.64
CA SER C 37 -1.88 15.43 17.96
C SER C 37 -2.22 16.20 16.71
N SER C 38 -1.55 15.87 15.60
CA SER C 38 -1.84 16.55 14.35
C SER C 38 -3.28 16.30 13.94
N ALA C 39 -3.78 15.12 14.25
CA ALA C 39 -5.16 14.81 13.93
C ALA C 39 -6.06 15.69 14.76
N PHE C 40 -5.74 15.83 16.05
CA PHE C 40 -6.60 16.58 16.95
C PHE C 40 -6.87 17.97 16.44
N GLU C 41 -5.81 18.72 16.15
CA GLU C 41 -6.02 20.11 15.81
C GLU C 41 -6.59 20.16 14.41
N ALA C 42 -6.27 19.16 13.58
CA ALA C 42 -6.81 19.10 12.23
C ALA C 42 -8.33 19.09 12.35
N VAL C 43 -8.80 18.36 13.36
CA VAL C 43 -10.23 18.32 13.61
C VAL C 43 -10.68 19.59 14.34
N THR C 44 -9.92 20.03 15.34
CA THR C 44 -10.36 21.17 16.16
C THR C 44 -10.53 22.37 15.28
N ARG C 45 -9.50 22.60 14.45
CA ARG C 45 -9.43 23.75 13.55
C ARG C 45 -10.71 23.92 12.76
N ILE C 46 -11.43 22.82 12.56
CA ILE C 46 -12.64 22.89 11.77
C ILE C 46 -13.88 22.84 12.67
N HIS C 47 -13.89 21.95 13.66
CA HIS C 47 -15.14 21.66 14.36
C HIS C 47 -15.18 22.00 15.85
N PHE C 48 -14.01 22.14 16.47
CA PHE C 48 -13.95 22.50 17.88
C PHE C 48 -13.04 23.69 18.12
N PRO C 49 -13.30 24.91 17.58
CA PRO C 49 -12.36 26.01 17.74
C PRO C 49 -12.54 26.71 19.07
N LEU C 52 -9.21 24.55 21.17
CA LEU C 52 -8.07 24.71 20.26
C LEU C 52 -6.98 25.39 21.01
N GLY C 53 -5.76 24.88 20.91
CA GLY C 53 -4.78 25.64 21.67
C GLY C 53 -4.97 25.45 23.15
N HIS C 54 -5.77 24.44 23.50
CA HIS C 54 -6.10 24.13 24.89
C HIS C 54 -6.05 22.64 25.14
N VAL C 55 -5.45 21.91 24.21
CA VAL C 55 -5.34 20.47 24.31
C VAL C 55 -3.89 20.07 24.11
N ALA C 56 -3.38 19.25 25.03
CA ALA C 56 -2.00 18.79 24.96
C ALA C 56 -1.90 17.27 25.02
N LEU C 57 -0.96 16.72 24.26
CA LEU C 57 -0.72 15.28 24.22
C LEU C 57 0.74 14.98 24.54
N ARG C 58 0.97 14.07 25.48
CA ARG C 58 2.32 13.72 25.92
C ARG C 58 2.53 12.20 25.99
N LEU C 59 3.59 11.74 25.34
CA LEU C 59 3.80 10.32 25.19
C LEU C 59 4.28 9.72 26.49
N VAL C 60 3.61 8.66 26.91
CA VAL C 60 4.09 7.87 28.01
C VAL C 60 4.48 6.55 27.39
N PRO C 61 5.75 6.21 27.50
CA PRO C 61 6.23 4.87 27.11
C PRO C 61 5.77 3.83 28.13
N CYS C 62 5.33 2.67 27.64
CA CYS C 62 4.94 1.56 28.51
C CYS C 62 5.61 0.29 28.00
N PRO C 63 6.05 -0.58 28.92
CA PRO C 63 6.76 -1.78 28.47
C PRO C 63 5.90 -2.70 27.59
N PRO C 64 6.54 -3.38 26.63
CA PRO C 64 5.88 -4.42 25.87
C PRO C 64 5.79 -5.69 26.70
N ILE C 65 4.86 -5.70 27.65
CA ILE C 65 4.78 -6.77 28.66
C ILE C 65 4.48 -8.13 28.05
N CYS C 66 3.99 -8.12 26.81
CA CYS C 66 3.60 -9.36 26.14
C CYS C 66 4.75 -9.99 25.37
N ALA C 67 5.92 -9.36 25.42
CA ALA C 67 7.07 -9.81 24.64
C ALA C 67 7.43 -11.26 24.98
N ALA C 68 7.59 -11.53 26.27
CA ALA C 68 7.97 -12.86 26.74
C ALA C 68 6.91 -13.90 26.38
N ALA C 69 5.64 -13.54 26.56
CA ALA C 69 4.53 -14.44 26.23
C ALA C 69 4.55 -14.76 24.74
N TYR C 70 4.77 -13.74 23.93
CA TYR C 70 4.86 -13.92 22.49
C TYR C 70 6.01 -14.84 22.10
N ALA C 71 7.19 -14.64 22.69
CA ALA C 71 8.33 -15.49 22.41
C ALA C 71 8.02 -16.94 22.76
N LEU C 72 7.49 -17.12 23.96
CA LEU C 72 7.14 -18.43 24.48
C LEU C 72 6.17 -19.16 23.57
N VAL C 73 5.08 -18.49 23.23
CA VAL C 73 4.01 -19.07 22.42
C VAL C 73 4.50 -19.32 20.99
N SER C 74 5.41 -18.47 20.53
CA SER C 74 6.05 -18.65 19.22
C SER C 74 6.87 -19.91 19.19
N ASN C 75 7.57 -20.18 20.29
CA ASN C 75 8.37 -21.41 20.39
C ASN C 75 7.49 -22.66 20.41
N LEU C 76 6.21 -22.48 20.73
CA LEU C 76 5.27 -23.59 20.82
C LEU C 76 4.50 -23.78 19.52
N SER C 77 4.76 -22.91 18.55
CA SER C 77 4.11 -22.98 17.26
C SER C 77 4.47 -24.26 16.52
N PRO C 78 3.50 -24.84 15.80
CA PRO C 78 3.79 -25.97 14.90
C PRO C 78 4.82 -25.59 13.85
N TYR C 79 5.02 -24.27 13.66
CA TYR C 79 6.00 -23.78 12.66
C TYR C 79 7.15 -23.08 13.37
N SER C 80 7.33 -23.35 14.66
CA SER C 80 8.41 -22.71 15.45
C SER C 80 9.77 -23.05 14.82
N HIS C 81 9.93 -24.26 14.29
CA HIS C 81 11.22 -24.67 13.67
C HIS C 81 11.62 -23.67 12.59
N ASP C 82 10.64 -23.17 11.82
CA ASP C 82 10.93 -22.15 10.77
C ASP C 82 11.58 -20.94 11.42
N SER C 85 11.92 -17.84 11.48
CA SER C 85 11.62 -17.07 10.24
C SER C 85 10.25 -16.40 10.37
N LEU C 86 10.05 -15.28 9.67
CA LEU C 86 8.77 -14.53 9.75
C LEU C 86 7.65 -15.33 9.09
N SER C 87 7.91 -15.95 7.93
CA SER C 87 6.84 -16.68 7.19
C SER C 87 6.12 -17.63 8.15
N ARG C 88 6.85 -18.26 9.07
CA ARG C 88 6.24 -19.15 10.08
C ARG C 88 4.85 -18.63 10.48
N SER C 89 4.70 -17.30 10.58
CA SER C 89 3.44 -16.75 11.05
C SER C 89 2.35 -16.77 9.96
N GLN C 90 1.93 -17.99 9.63
CA GLN C 90 0.75 -18.24 8.80
C GLN C 90 -0.04 -19.04 9.81
N ASP C 91 0.38 -18.82 11.05
CA ASP C 91 -0.13 -19.49 12.21
C ASP C 91 -1.28 -18.71 12.80
N HIS C 92 -2.16 -19.42 13.51
CA HIS C 92 -3.19 -18.75 14.29
C HIS C 92 -2.52 -18.39 15.60
N ILE C 93 -2.18 -17.13 15.76
CA ILE C 93 -1.60 -16.66 17.01
C ILE C 93 -2.69 -16.46 18.03
N PRO C 94 -2.54 -17.09 19.20
CA PRO C 94 -3.48 -16.89 20.30
C PRO C 94 -3.31 -15.51 20.89
N LEU C 95 -3.71 -14.50 20.11
CA LEU C 95 -3.52 -13.10 20.49
C LEU C 95 -4.14 -12.81 21.84
N ALA C 96 -5.31 -13.41 22.08
CA ALA C 96 -6.07 -13.16 23.29
C ALA C 96 -5.41 -13.75 24.53
N ALA C 97 -4.66 -14.83 24.35
CA ALA C 97 -4.03 -15.53 25.46
C ALA C 97 -2.82 -14.77 26.01
N LEU C 98 -2.20 -13.95 25.16
CA LEU C 98 -0.97 -13.25 25.51
C LEU C 98 -1.14 -12.33 26.73
N PRO C 99 -2.20 -11.50 26.77
CA PRO C 99 -2.35 -10.68 27.98
C PRO C 99 -2.62 -11.52 29.23
N LEU C 100 -3.23 -12.69 29.07
CA LEU C 100 -3.51 -13.54 30.24
C LEU C 100 -2.20 -14.03 30.85
N LEU C 101 -1.31 -14.53 29.99
CA LEU C 101 0.00 -15.02 30.41
C LEU C 101 0.78 -13.87 31.04
N ALA C 102 0.73 -12.71 30.39
CA ALA C 102 1.45 -11.53 30.85
C ALA C 102 0.99 -11.05 32.22
N THR C 103 -0.32 -11.00 32.42
CA THR C 103 -0.89 -10.54 33.68
C THR C 103 -0.93 -11.62 34.75
N SER C 104 -0.51 -12.83 34.38
CA SER C 104 -0.37 -13.88 35.39
C SER C 104 1.09 -14.00 35.83
N SER C 105 1.96 -13.22 35.21
CA SER C 105 3.37 -13.22 35.56
C SER C 105 3.64 -12.49 36.87
N SER C 106 4.60 -13.01 37.63
CA SER C 106 5.02 -12.36 38.87
C SER C 106 5.78 -11.06 38.60
N ARG C 107 6.22 -10.89 37.36
CA ARG C 107 7.00 -9.72 36.96
C ARG C 107 6.09 -8.57 36.48
N TYR C 108 4.79 -8.85 36.44
CA TYR C 108 3.79 -7.88 35.96
C TYR C 108 3.63 -6.66 36.87
N GLN C 109 3.48 -6.89 38.17
CA GLN C 109 3.35 -5.81 39.14
C GLN C 109 4.45 -4.76 38.99
N GLY C 110 5.68 -5.23 38.81
CA GLY C 110 6.81 -4.35 38.55
C GLY C 110 6.53 -3.43 37.38
N ALA C 111 5.94 -3.98 36.33
CA ALA C 111 5.60 -3.21 35.14
C ALA C 111 4.52 -2.17 35.46
N VAL C 112 3.55 -2.55 36.27
CA VAL C 112 2.48 -1.66 36.66
C VAL C 112 3.04 -0.47 37.42
N ALA C 113 4.04 -0.74 38.27
CA ALA C 113 4.68 0.30 39.05
C ALA C 113 5.54 1.18 38.15
N THR C 114 6.16 0.56 37.15
CA THR C 114 7.00 1.28 36.20
C THR C 114 6.17 2.30 35.42
N VAL C 115 4.96 1.87 35.03
CA VAL C 115 4.06 2.74 34.28
C VAL C 115 3.65 3.94 35.14
N ILE C 116 3.40 3.69 36.41
CA ILE C 116 3.02 4.74 37.34
C ILE C 116 4.17 5.73 37.49
N ALA C 117 5.39 5.21 37.52
CA ALA C 117 6.58 6.06 37.66
C ALA C 117 6.79 7.04 36.51
N ARG C 118 6.81 6.57 35.26
CA ARG C 118 7.06 7.54 34.18
C ARG C 118 5.79 8.27 33.73
N THR C 119 4.63 7.80 34.18
CA THR C 119 3.43 8.59 33.97
C THR C 119 3.54 9.83 34.87
N ASN C 120 4.00 9.60 36.11
CA ASN C 120 4.28 10.71 37.02
C ASN C 120 5.35 11.63 36.43
N GLN C 121 6.38 11.02 35.84
CA GLN C 121 7.46 11.79 35.25
C GLN C 121 6.95 12.66 34.11
N ALA C 122 6.06 12.13 33.28
CA ALA C 122 5.50 12.92 32.18
C ALA C 122 4.54 14.00 32.65
N TYR C 123 3.75 13.68 33.68
CA TYR C 123 2.76 14.63 34.18
C TYR C 123 3.45 15.81 34.82
N SER C 124 4.55 15.54 35.52
CA SER C 124 5.29 16.63 36.12
C SER C 124 6.43 17.09 35.22
N ALA C 125 6.54 16.54 34.03
CA ALA C 125 7.48 17.09 33.07
C ALA C 125 6.72 18.16 32.32
N PHE C 126 5.42 17.92 32.21
CA PHE C 126 4.50 18.85 31.57
C PHE C 126 4.21 20.10 32.40
N LEU C 127 3.96 19.94 33.70
CA LEU C 127 3.61 21.09 34.53
C LEU C 127 4.71 22.14 34.66
N ARG C 128 5.91 21.69 35.01
CA ARG C 128 7.05 22.59 35.16
C ARG C 128 7.78 22.83 33.83
N SER C 129 7.12 22.44 32.73
CA SER C 129 7.45 22.87 31.36
C SER C 129 6.77 24.23 31.13
N PRO C 130 7.18 25.00 30.09
CA PRO C 130 6.52 26.30 29.89
C PRO C 130 4.99 26.21 29.68
N GLU C 131 4.51 25.31 28.83
CA GLU C 131 3.07 25.12 28.73
C GLU C 131 2.61 24.44 30.01
N GLY C 132 1.33 24.52 30.32
CA GLY C 132 0.81 23.92 31.52
C GLY C 132 1.39 24.50 32.80
N ALA C 133 2.18 25.56 32.67
CA ALA C 133 2.62 26.29 33.85
C ALA C 133 1.37 26.94 34.43
N GLY C 134 1.00 26.54 35.64
CA GLY C 134 -0.20 27.08 36.24
C GLY C 134 -1.43 26.29 35.80
N PHE C 135 -1.20 25.04 35.41
CA PHE C 135 -2.28 24.20 34.87
C PHE C 135 -3.13 23.65 36.00
N CYS C 136 -4.44 23.86 35.89
CA CYS C 136 -5.40 23.37 36.87
C CYS C 136 -6.52 22.56 36.24
N GLY C 137 -6.44 22.35 34.93
CA GLY C 137 -7.49 21.66 34.21
C GLY C 137 -7.61 20.18 34.50
N GLN C 138 -8.65 19.55 33.93
CA GLN C 138 -8.85 18.12 34.01
C GLN C 138 -7.73 17.31 33.35
N VAL C 139 -7.51 16.09 33.82
CA VAL C 139 -6.50 15.20 33.23
C VAL C 139 -7.12 13.89 32.76
N ALA C 140 -6.78 13.46 31.55
CA ALA C 140 -7.28 12.20 31.01
C ALA C 140 -6.17 11.24 30.57
N LEU C 141 -6.45 9.94 30.60
CA LEU C 141 -5.51 8.93 30.13
C LEU C 141 -5.97 8.24 28.85
N ILE C 142 -5.03 8.04 27.94
CA ILE C 142 -5.26 7.21 26.76
C ILE C 142 -4.26 6.04 26.75
N GLY C 143 -4.77 4.83 26.67
CA GLY C 143 -3.92 3.66 26.59
C GLY C 143 -4.22 2.85 25.34
N ASP C 144 -3.14 2.34 24.75
CA ASP C 144 -3.16 1.37 23.64
C ASP C 144 -3.45 -0.05 24.14
N GLY C 145 -3.82 -0.93 23.21
CA GLY C 145 -4.29 -2.26 23.55
C GLY C 145 -3.66 -2.87 24.80
N VAL C 146 -2.33 -2.85 24.86
CA VAL C 146 -1.63 -3.39 26.02
C VAL C 146 -1.55 -2.35 27.13
N GLY C 147 -1.24 -1.11 26.75
CA GLY C 147 -1.15 0.00 27.67
C GLY C 147 -2.41 0.21 28.49
N GLY C 148 -3.58 -0.04 27.88
CA GLY C 148 -4.85 0.12 28.56
C GLY C 148 -4.97 -0.73 29.82
N ILE C 149 -4.42 -1.93 29.76
CA ILE C 149 -4.44 -2.86 30.88
C ILE C 149 -3.59 -2.36 32.05
N LEU C 150 -2.37 -1.97 31.71
CA LEU C 150 -1.43 -1.41 32.67
C LEU C 150 -2.05 -0.19 33.33
N GLY C 151 -2.66 0.67 32.51
CA GLY C 151 -3.33 1.86 32.97
C GLY C 151 -4.49 1.57 33.91
N PHE C 152 -5.35 0.64 33.53
CA PHE C 152 -6.49 0.26 34.36
C PHE C 152 -6.01 -0.21 35.72
N ASP C 153 -5.06 -1.15 35.71
CA ASP C 153 -4.55 -1.72 36.95
C ASP C 153 -3.85 -0.65 37.78
N ALA C 154 -3.30 0.35 37.11
CA ALA C 154 -2.70 1.49 37.79
C ALA C 154 -3.78 2.33 38.47
N LEU C 155 -4.93 2.42 37.82
CA LEU C 155 -6.08 3.16 38.35
C LEU C 155 -6.76 2.46 39.52
N CYS C 156 -6.61 1.14 39.60
CA CYS C 156 -7.19 0.38 40.71
C CYS C 156 -6.49 0.58 42.06
N HIS C 157 -5.23 1.00 42.03
CA HIS C 157 -4.43 1.08 43.24
C HIS C 157 -4.93 2.17 44.19
N ARG C 163 1.60 5.73 43.81
CA ARG C 163 0.33 6.16 43.20
C ARG C 163 0.58 7.27 42.17
N LEU C 164 -0.48 7.70 41.49
CA LEU C 164 -0.37 8.74 40.47
C LEU C 164 -0.51 10.16 41.03
N ASP C 165 0.33 11.07 40.52
CA ASP C 165 0.40 12.47 40.98
C ASP C 165 -0.87 13.29 40.84
N PHE C 166 -1.81 12.80 40.06
CA PHE C 166 -2.94 13.59 39.62
C PHE C 166 -4.20 12.74 39.66
N LYS C 167 -5.38 13.34 39.64
CA LYS C 167 -6.57 12.50 39.56
C LYS C 167 -7.19 12.59 38.19
N VAL C 168 -7.58 11.41 37.70
CA VAL C 168 -8.03 11.21 36.32
C VAL C 168 -9.53 11.42 36.22
N SER C 169 -9.90 12.37 35.36
CA SER C 169 -11.28 12.59 34.94
C SER C 169 -11.81 11.47 34.06
N GLY C 170 -10.96 11.02 33.14
CA GLY C 170 -11.36 10.11 32.09
C GLY C 170 -10.27 9.12 31.72
N PHE C 171 -10.69 8.02 31.09
CA PHE C 171 -9.78 6.95 30.69
C PHE C 171 -10.26 6.34 29.39
N PHE C 172 -9.43 6.40 28.36
CA PHE C 172 -9.80 5.90 27.04
C PHE C 172 -8.96 4.70 26.65
N LEU C 173 -9.62 3.61 26.26
CA LEU C 173 -8.92 2.41 25.83
C LEU C 173 -9.04 2.19 24.33
N PHE C 174 -7.89 1.99 23.69
CA PHE C 174 -7.82 1.74 22.27
C PHE C 174 -7.63 0.25 22.00
N GLY C 175 -8.72 -0.44 21.72
CA GLY C 175 -8.68 -1.86 21.38
C GLY C 175 -8.03 -2.73 22.43
N SER C 176 -8.39 -2.52 23.69
CA SER C 176 -7.76 -3.23 24.80
C SER C 176 -8.51 -4.51 25.15
N PRO C 177 -7.79 -5.63 25.27
CA PRO C 177 -8.37 -6.93 25.65
C PRO C 177 -8.58 -7.06 27.15
N LEU C 178 -8.67 -5.92 27.83
CA LEU C 178 -8.87 -5.86 29.27
C LEU C 178 -10.05 -6.73 29.71
N GLY C 179 -11.14 -6.64 28.96
CA GLY C 179 -12.35 -7.39 29.27
C GLY C 179 -12.09 -8.88 29.42
N LEU C 180 -11.14 -9.39 28.63
CA LEU C 180 -10.79 -10.79 28.72
C LEU C 180 -10.04 -11.07 30.02
N VAL C 181 -9.07 -10.21 30.33
CA VAL C 181 -8.27 -10.36 31.55
C VAL C 181 -9.16 -10.51 32.77
N LEU C 182 -10.13 -9.62 32.89
CA LEU C 182 -11.04 -9.60 34.01
C LEU C 182 -11.78 -10.93 34.11
N ALA C 183 -12.20 -11.46 32.96
CA ALA C 183 -12.93 -12.72 32.89
C ALA C 183 -12.12 -13.80 33.58
N LEU C 184 -10.81 -13.79 33.35
CA LEU C 184 -9.95 -14.77 33.98
C LEU C 184 -10.05 -14.63 35.48
N ARG C 185 -9.83 -13.40 35.97
CA ARG C 185 -9.79 -13.14 37.41
C ARG C 185 -11.05 -13.61 38.12
N LYS C 186 -12.21 -13.25 37.58
CA LYS C 186 -13.48 -13.57 38.22
C LYS C 186 -13.71 -15.09 38.29
N THR C 187 -13.09 -15.85 37.38
CA THR C 187 -13.23 -17.31 37.47
C THR C 187 -12.29 -17.80 38.57
N VAL C 188 -11.12 -17.19 38.64
CA VAL C 188 -10.13 -17.58 39.63
C VAL C 188 -10.50 -16.95 41.00
N MET C 189 -11.06 -15.74 40.98
CA MET C 189 -11.44 -15.08 42.24
C MET C 189 -12.85 -14.50 42.31
N PRO C 190 -13.87 -15.34 42.47
CA PRO C 190 -15.24 -14.83 42.60
C PRO C 190 -15.51 -14.16 43.97
N MET C 197 -15.54 -2.91 43.20
CA MET C 197 -15.28 -2.60 41.80
C MET C 197 -15.30 -1.09 41.55
N ARG C 198 -14.12 -0.47 41.56
CA ARG C 198 -14.04 1.00 41.31
C ARG C 198 -12.57 1.45 41.23
N PRO C 199 -12.13 2.07 40.11
CA PRO C 199 -10.78 2.60 40.02
C PRO C 199 -10.80 4.05 40.49
N ALA C 200 -10.04 4.93 39.83
CA ALA C 200 -10.10 6.35 40.18
C ALA C 200 -10.20 7.25 38.96
N CYS C 201 -11.34 7.18 38.28
CA CYS C 201 -11.63 8.07 37.15
C CYS C 201 -13.12 8.38 37.11
N GLU C 202 -13.50 9.49 36.47
CA GLU C 202 -14.92 9.84 36.34
C GLU C 202 -15.63 9.10 35.22
N GLN C 203 -14.88 8.46 34.33
CA GLN C 203 -15.49 7.70 33.24
C GLN C 203 -14.50 6.77 32.54
N ILE C 204 -14.98 5.59 32.14
CA ILE C 204 -14.17 4.66 31.35
C ILE C 204 -14.78 4.49 29.94
N TYR C 205 -13.94 4.63 28.92
CA TYR C 205 -14.35 4.46 27.52
C TYR C 205 -13.64 3.29 26.84
N ASN C 206 -14.33 2.17 26.71
CA ASN C 206 -13.78 1.02 26.01
C ASN C 206 -14.05 1.12 24.49
N LEU C 207 -13.08 1.61 23.73
CA LEU C 207 -13.27 1.75 22.29
C LEU C 207 -12.66 0.58 21.53
N PHE C 208 -13.43 -0.03 20.62
CA PHE C 208 -12.91 -1.17 19.87
C PHE C 208 -13.51 -1.33 18.48
N HIS C 209 -12.74 -1.93 17.58
CA HIS C 209 -13.30 -2.44 16.32
C HIS C 209 -13.77 -3.86 16.55
N ALA C 210 -14.98 -4.18 16.08
CA ALA C 210 -15.55 -5.51 16.31
C ALA C 210 -14.68 -6.60 15.67
N ALA C 211 -14.07 -6.27 14.55
CA ALA C 211 -13.22 -7.22 13.81
C ALA C 211 -11.86 -7.41 14.49
N ASP C 212 -11.56 -6.60 15.50
CA ASP C 212 -10.33 -6.74 16.26
C ASP C 212 -10.38 -7.95 17.18
N PRO C 213 -9.40 -8.86 17.07
CA PRO C 213 -9.38 -10.04 17.94
C PRO C 213 -9.19 -9.70 19.42
N CYS C 214 -8.68 -8.51 19.72
CA CYS C 214 -8.52 -8.09 21.12
C CYS C 214 -9.75 -7.36 21.66
N ALA C 215 -10.72 -7.12 20.80
CA ALA C 215 -11.94 -6.42 21.22
C ALA C 215 -12.73 -7.28 22.19
N SER C 216 -13.02 -6.71 23.36
CA SER C 216 -13.85 -7.39 24.36
C SER C 216 -14.69 -6.37 25.12
N ARG C 217 -15.97 -6.68 25.31
CA ARG C 217 -16.85 -5.78 26.05
C ARG C 217 -16.51 -5.76 27.54
N LEU C 218 -16.83 -4.65 28.18
CA LEU C 218 -16.68 -4.51 29.63
C LEU C 218 -18.03 -4.48 30.34
N GLU C 219 -19.03 -3.91 29.67
CA GLU C 219 -20.34 -3.70 30.26
C GLU C 219 -21.00 -4.98 30.81
N PRO C 220 -20.99 -6.09 30.02
CA PRO C 220 -21.58 -7.31 30.57
C PRO C 220 -20.88 -7.86 31.83
N LEU C 221 -19.69 -7.34 32.13
CA LEU C 221 -18.98 -7.74 33.34
C LEU C 221 -19.52 -7.00 34.56
N LEU C 222 -20.15 -5.85 34.34
CA LEU C 222 -20.73 -5.06 35.43
C LEU C 222 -22.16 -5.46 35.64
N ALA C 223 -22.88 -5.62 34.55
CA ALA C 223 -24.25 -6.13 34.55
C ALA C 223 -24.42 -7.09 33.39
N PRO C 224 -24.57 -8.37 33.70
CA PRO C 224 -24.61 -9.44 32.70
C PRO C 224 -25.67 -9.21 31.62
N LYS C 225 -26.72 -8.45 31.94
CA LYS C 225 -27.82 -8.30 31.00
C LYS C 225 -27.47 -7.33 29.88
N PHE C 226 -26.32 -6.67 30.01
CA PHE C 226 -25.87 -5.79 28.95
C PHE C 226 -25.30 -6.63 27.82
N GLN C 227 -25.20 -7.94 28.05
CA GLN C 227 -25.00 -8.88 26.95
C GLN C 227 -26.03 -8.61 25.86
N ALA C 228 -27.26 -8.33 26.26
CA ALA C 228 -28.36 -8.24 25.29
C ALA C 228 -28.49 -6.85 24.69
N ILE C 229 -27.67 -5.92 25.18
CA ILE C 229 -27.66 -4.56 24.66
C ILE C 229 -26.38 -4.30 23.87
N ALA C 230 -26.54 -3.85 22.63
CA ALA C 230 -25.42 -3.54 21.75
C ALA C 230 -24.56 -2.43 22.34
N PRO C 231 -23.25 -2.49 22.08
CA PRO C 231 -22.38 -1.34 22.39
C PRO C 231 -22.83 -0.12 21.61
N LEU C 232 -22.60 1.07 22.15
CA LEU C 232 -22.88 2.30 21.40
C LEU C 232 -21.98 2.39 20.17
N THR C 233 -22.50 3.05 19.14
CA THR C 233 -21.75 3.25 17.90
C THR C 233 -20.98 4.57 17.95
N VAL C 234 -19.72 4.53 17.53
CA VAL C 234 -18.96 5.75 17.31
C VAL C 234 -19.21 6.21 15.89
N PRO C 235 -19.80 7.42 15.74
CA PRO C 235 -20.17 7.93 14.42
C PRO C 235 -18.97 8.09 13.50
N ARG C 236 -19.20 8.02 12.20
CA ARG C 236 -18.12 8.25 11.26
C ARG C 236 -17.93 9.74 11.04
N TYR C 237 -16.67 10.17 11.13
CA TYR C 237 -16.32 11.58 11.05
C TYR C 237 -16.66 12.13 9.67
N GLN C 238 -16.59 11.26 8.68
CA GLN C 238 -16.83 11.64 7.29
C GLN C 238 -18.28 12.05 7.08
N LYS C 239 -19.18 11.44 7.86
CA LYS C 239 -20.62 11.68 7.68
C LYS C 239 -21.23 12.47 8.85
N PHE C 240 -20.71 12.26 10.05
CA PHE C 240 -21.20 12.96 11.25
C PHE C 240 -20.08 13.53 12.11
N PRO C 241 -19.48 14.65 11.67
CA PRO C 241 -18.36 15.28 12.38
C PRO C 241 -18.71 15.73 13.79
N LEU C 242 -19.98 16.04 14.04
CA LEU C 242 -20.40 16.52 15.34
C LEU C 242 -21.24 15.49 16.08
N GLY C 243 -21.12 14.22 15.67
CA GLY C 243 -21.92 13.17 16.24
C GLY C 243 -23.24 13.02 15.49
N ASP C 244 -23.94 11.92 15.73
CA ASP C 244 -25.21 11.70 15.05
C ASP C 244 -26.39 12.00 15.97
N GLY C 245 -26.10 12.66 17.10
CA GLY C 245 -27.15 13.14 17.99
C GLY C 245 -27.75 12.11 18.93
N SER C 246 -27.22 10.89 18.91
CA SER C 246 -27.69 9.86 19.82
C SER C 246 -27.16 10.14 21.22
N SER C 247 -27.81 9.58 22.24
CA SER C 247 -27.43 9.84 23.61
C SER C 247 -26.32 8.88 24.04
N LEU C 248 -25.42 9.37 24.88
CA LEU C 248 -24.34 8.53 25.40
C LEU C 248 -24.58 8.18 26.86
N LEU C 249 -25.61 8.77 27.44
CA LEU C 249 -25.87 8.60 28.87
C LEU C 249 -26.43 7.21 29.13
N LEU C 250 -26.00 6.60 30.23
CA LEU C 250 -26.48 5.28 30.62
C LEU C 250 -27.99 5.29 30.86
N ALA C 251 -28.46 6.34 31.51
CA ALA C 251 -29.87 6.47 31.90
C ALA C 251 -30.85 6.32 30.73
N ASP C 252 -30.51 6.93 29.60
CA ASP C 252 -31.39 6.93 28.44
C ASP C 252 -31.46 5.56 27.76
N THR C 253 -30.35 4.82 27.86
CA THR C 253 -30.30 3.45 27.36
C THR C 253 -31.17 2.63 28.27
N LEU C 254 -31.15 2.99 29.55
CA LEU C 254 -31.93 2.30 30.56
C LEU C 254 -33.42 2.47 30.30
N GLN C 255 -33.80 3.65 29.85
CA GLN C 255 -35.18 3.96 29.64
C GLN C 255 -35.66 3.39 28.31
N THR C 256 -34.77 3.32 27.33
CA THR C 256 -35.13 2.73 26.04
C THR C 256 -35.43 1.24 26.15
N HIS C 257 -34.61 0.53 26.93
CA HIS C 257 -34.87 -0.89 27.14
C HIS C 257 -35.48 -1.20 28.49
N SER C 258 -36.75 -1.62 28.44
CA SER C 258 -37.54 -1.92 29.62
C SER C 258 -37.08 -3.20 30.31
N SER C 259 -36.31 -4.02 29.61
CA SER C 259 -35.86 -5.31 30.14
C SER C 259 -35.12 -5.13 31.46
N LEU C 260 -34.53 -3.95 31.63
CA LEU C 260 -33.95 -3.53 32.91
C LEU C 260 -34.86 -2.57 33.68
N LEU C 307 -27.08 1.26 43.08
CA LEU C 307 -27.32 0.73 41.74
C LEU C 307 -26.22 1.16 40.78
N GLU C 308 -25.85 2.45 40.85
CA GLU C 308 -24.86 3.01 39.89
C GLU C 308 -23.47 2.44 40.15
N ARG C 309 -23.32 1.12 40.14
CA ARG C 309 -21.97 0.51 40.29
C ARG C 309 -21.24 0.74 38.96
N TRP C 310 -21.69 1.72 38.17
CA TRP C 310 -21.08 1.94 36.87
C TRP C 310 -19.82 2.76 36.88
N TRP C 311 -18.89 2.39 35.99
CA TRP C 311 -17.67 3.16 35.81
C TRP C 311 -17.97 4.39 34.96
N GLY C 312 -18.50 5.42 35.61
CA GLY C 312 -18.85 6.66 34.96
C GLY C 312 -20.34 6.83 34.75
N THR C 313 -20.72 7.95 34.14
CA THR C 313 -22.13 8.25 33.92
C THR C 313 -22.60 7.84 32.52
N LYS C 314 -21.65 7.65 31.62
CA LYS C 314 -21.94 7.26 30.24
C LYS C 314 -21.79 5.76 30.04
N ARG C 315 -22.20 5.29 28.87
CA ARG C 315 -21.99 3.89 28.51
C ARG C 315 -20.49 3.64 28.40
N ILE C 316 -20.09 2.37 28.36
CA ILE C 316 -18.66 2.04 28.38
C ILE C 316 -18.17 1.42 27.07
N ASP C 317 -19.01 0.61 26.43
CA ASP C 317 -18.60 -0.09 25.22
C ASP C 317 -18.93 0.71 23.96
N TYR C 318 -17.89 1.04 23.20
CA TYR C 318 -18.05 1.85 22.00
C TYR C 318 -17.47 1.15 20.78
N SER C 319 -18.32 0.97 19.77
CA SER C 319 -17.99 0.22 18.57
C SER C 319 -17.59 1.12 17.40
N LEU C 320 -16.33 1.03 17.01
CA LEU C 320 -15.78 1.76 15.89
C LEU C 320 -16.11 1.13 14.55
N TYR C 321 -16.26 1.97 13.53
CA TYR C 321 -16.49 1.49 12.18
C TYR C 321 -15.30 0.71 11.68
N CYS C 322 -15.59 -0.33 10.90
CA CYS C 322 -14.55 -1.18 10.37
C CYS C 322 -15.06 -1.83 9.10
N PRO C 323 -14.27 -1.73 8.02
CA PRO C 323 -14.65 -2.48 6.83
C PRO C 323 -14.58 -3.93 7.28
N GLU C 324 -15.55 -4.79 6.91
CA GLU C 324 -15.50 -6.20 7.33
C GLU C 324 -14.62 -7.06 6.41
N ALA C 325 -14.14 -6.49 5.31
CA ALA C 325 -13.10 -7.15 4.51
C ALA C 325 -11.95 -7.54 5.44
N LEU C 326 -11.73 -6.69 6.44
CA LEU C 326 -10.66 -6.85 7.42
C LEU C 326 -10.85 -8.12 8.23
N THR C 327 -12.04 -8.70 8.17
CA THR C 327 -12.32 -9.95 8.88
C THR C 327 -11.51 -11.09 8.29
N ALA C 328 -11.18 -10.98 7.00
CA ALA C 328 -10.50 -12.05 6.28
C ALA C 328 -8.97 -11.94 6.32
N PHE C 329 -8.45 -10.99 7.10
CA PHE C 329 -7.00 -10.79 7.16
C PHE C 329 -6.30 -11.82 8.05
N PRO C 330 -5.05 -12.17 7.71
CA PRO C 330 -4.18 -13.02 8.53
C PRO C 330 -3.97 -12.45 9.94
N THR C 331 -4.08 -13.30 10.96
CA THR C 331 -4.04 -12.86 12.35
C THR C 331 -2.80 -12.02 12.69
N VAL C 332 -1.64 -12.42 12.19
CA VAL C 332 -0.38 -11.75 12.52
C VAL C 332 -0.36 -10.30 12.06
N THR C 333 -1.24 -9.97 11.12
CA THR C 333 -1.24 -8.65 10.49
C THR C 333 -2.21 -7.70 11.18
N LEU C 334 -3.07 -8.25 12.03
CA LEU C 334 -4.16 -7.49 12.63
C LEU C 334 -3.71 -6.55 13.77
N PRO C 335 -2.84 -7.02 14.69
CA PRO C 335 -2.44 -6.12 15.77
C PRO C 335 -1.81 -4.81 15.28
N HIS C 336 -1.02 -4.86 14.21
CA HIS C 336 -0.44 -3.63 13.67
C HIS C 336 -1.50 -2.71 13.10
N LEU C 337 -2.30 -3.23 12.17
CA LEU C 337 -3.36 -2.45 11.54
C LEU C 337 -4.24 -1.74 12.58
N PHE C 338 -4.69 -2.50 13.57
CA PHE C 338 -5.59 -1.95 14.58
C PHE C 338 -4.88 -0.97 15.52
N HIS C 339 -3.69 -1.33 15.99
CA HIS C 339 -2.94 -0.41 16.86
C HIS C 339 -2.66 0.92 16.16
N ALA C 340 -2.30 0.82 14.89
CA ALA C 340 -1.95 1.98 14.07
C ALA C 340 -3.16 2.84 13.75
N SER C 341 -4.33 2.21 13.63
CA SER C 341 -5.51 2.92 13.15
C SER C 341 -5.97 4.04 14.08
N TYR C 342 -5.72 3.88 15.38
CA TYR C 342 -6.21 4.83 16.37
C TYR C 342 -5.53 6.19 16.28
N TRP C 343 -4.23 6.17 16.02
CA TRP C 343 -3.43 7.39 16.08
C TRP C 343 -3.79 8.39 14.98
N GLU C 344 -4.48 7.92 13.93
CA GLU C 344 -4.90 8.82 12.87
C GLU C 344 -6.39 8.72 12.54
N SER C 345 -7.17 8.15 13.44
CA SER C 345 -8.61 8.01 13.20
C SER C 345 -9.36 9.28 13.60
N ALA C 346 -9.98 9.91 12.61
CA ALA C 346 -10.78 11.10 12.85
C ALA C 346 -12.01 10.74 13.69
N ASP C 347 -12.50 9.53 13.52
CA ASP C 347 -13.62 9.01 14.30
C ASP C 347 -13.33 9.11 15.80
N VAL C 348 -12.17 8.59 16.18
CA VAL C 348 -11.73 8.53 17.57
C VAL C 348 -11.49 9.93 18.13
N VAL C 349 -10.75 10.73 17.38
CA VAL C 349 -10.40 12.08 17.80
C VAL C 349 -11.64 12.94 17.99
N ALA C 350 -12.55 12.87 17.03
CA ALA C 350 -13.81 13.60 17.11
C ALA C 350 -14.62 13.14 18.32
N PHE C 351 -14.64 11.83 18.55
CA PHE C 351 -15.36 11.31 19.71
C PHE C 351 -14.80 11.91 21.01
N ILE C 352 -13.49 11.85 21.15
CA ILE C 352 -12.84 12.32 22.38
C ILE C 352 -13.08 13.82 22.57
N LEU C 353 -12.89 14.60 21.51
CA LEU C 353 -13.14 16.03 21.59
C LEU C 353 -14.59 16.33 21.95
N ARG C 354 -15.52 15.50 21.47
CA ARG C 354 -16.91 15.70 21.86
C ARG C 354 -17.07 15.39 23.34
N GLN C 355 -16.17 14.58 23.88
CA GLN C 355 -16.21 14.32 25.32
C GLN C 355 -15.48 15.39 26.15
N VAL C 356 -14.58 16.15 25.55
CA VAL C 356 -13.85 17.15 26.34
C VAL C 356 -14.57 18.50 26.45
N ILE C 357 -15.10 18.98 25.34
CA ILE C 357 -15.87 20.24 25.33
C ILE C 357 -17.21 20.01 26.03
N GLU C 358 -17.49 18.75 26.34
CA GLU C 358 -18.65 18.38 27.13
C GLU C 358 -18.36 18.53 28.62
#